data_7SP7
#
_entry.id   7SP7
#
_cell.length_a   1.00
_cell.length_b   1.00
_cell.length_c   1.00
_cell.angle_alpha   90.00
_cell.angle_beta   90.00
_cell.angle_gamma   90.00
#
_symmetry.space_group_name_H-M   'P 1'
#
loop_
_entity.id
_entity.type
_entity.pdbx_description
1 polymer 'Hyaluronan synthase'
2 polymer 'Nanobody 872'
3 polymer 'Nanobody 881'
4 non-polymer 1,2-Distearoyl-sn-glycerophosphoethanolamine
5 non-polymer 'CHOLESTEROL HEMISUCCINATE'
6 non-polymer "URIDINE-5'-DIPHOSPHATE"
7 non-polymer 'MANGANESE (II) ION'
#
loop_
_entity_poly.entity_id
_entity_poly.type
_entity_poly.pdbx_seq_one_letter_code
_entity_poly.pdbx_strand_id
1 'polypeptide(L)'
;MGTSWRTIVSANLFAVGGALLMLAPAIVGYVFQWNIGVSAVWGISVYGVFVLGFYIAQIVFSEFNRMRLSDWISLRPDNW
NATRVAVIIAGYREDPFMFKKCLESVRDSEYGNVARLICVIDGDEEEDLKMAEIYKQVYNDNVKKPGVVLCESENKNGST
IDSDVSKNICILQPHRGKRESLYTGFQLASMDPSVHAVVLIDSDTVLEKNAILEVVYPLSCDPNIKAVAGECKIWNTDTI
LSMLVSWRYFSAFNVERGAQSLWKTVQCVGGPLGAYTIDIINEIKDPWITQTFLGNKCTYGDDRRLTNEVLMRGKKIVYT
PFAVGWSDSPTNVMRYIVQQTRWSKSWCREIWYTLGSAWKHGFSGIYLAFECMYQIMYFFLVMYLFSYIAIKADIRAQTA
TVLVSTLVTIIKSSYLALRAKNLKAFYFVLYTYVYFFCMIPARITAMFTMFDIAWGTRGGNAKMTIGARVWLWAKQFLIT
YMWWAGVLAAGVYSIVDNWYFDWADIQYRFALVGICSYLVFVSIVLVIYLIGKITTWNYTPLQKELIEERYLHNASENAP
EVLEHHHHHH
;
A
2 'polypeptide(L)'
;QVQLVESGGGLVQAGGSLKVSCAASGRAFKTYRMAWFRQAPGKEREFVSGISALETTYYADSVKGRFTISRDNTKNTVSL
QMDSLKPEDTAVYYCAARRYGGTDYTTTGSYDYWGQGTQVTVSSHHHHHHEPEA
;
B
3 'polypeptide(L)'
;QVQLVESGGGLVQAGGSLRLACAASGRIFSSDTLAWFRRAPGKEREFVAASRWSGGGTDYADSVKGRFTFSRDNTRNTMC
LEMNSLKPEDTAVYYCALRTARDSYYYTRNPTGYDYWGQGTQVTVSSHHHHHHEPEA
;
C
#
# COMPACT_ATOMS: atom_id res chain seq x y z
N SER A 39 19.63 26.76 -8.68
CA SER A 39 19.44 26.24 -7.33
C SER A 39 18.23 25.32 -7.26
N ALA A 40 17.04 25.90 -7.42
CA ALA A 40 15.81 25.12 -7.38
C ALA A 40 15.74 24.14 -8.54
N VAL A 41 16.14 24.57 -9.73
CA VAL A 41 16.14 23.67 -10.88
C VAL A 41 16.99 22.45 -10.60
N TRP A 42 18.20 22.66 -10.08
CA TRP A 42 19.08 21.54 -9.73
C TRP A 42 18.46 20.69 -8.63
N GLY A 43 17.85 21.31 -7.63
CA GLY A 43 17.28 20.55 -6.53
C GLY A 43 16.18 19.60 -6.96
N ILE A 44 15.18 20.13 -7.66
CA ILE A 44 14.10 19.27 -8.15
C ILE A 44 14.59 18.28 -9.19
N SER A 45 15.55 18.67 -10.04
CA SER A 45 16.08 17.71 -11.02
C SER A 45 16.76 16.53 -10.33
N VAL A 46 17.58 16.82 -9.32
CA VAL A 46 18.25 15.75 -8.58
C VAL A 46 17.24 14.89 -7.85
N TYR A 47 16.25 15.52 -7.21
CA TYR A 47 15.23 14.77 -6.51
C TYR A 47 14.50 13.81 -7.44
N GLY A 48 14.05 14.31 -8.59
CA GLY A 48 13.34 13.46 -9.54
C GLY A 48 14.21 12.35 -10.09
N VAL A 49 15.46 12.67 -10.44
CA VAL A 49 16.35 11.65 -10.99
C VAL A 49 16.60 10.55 -9.97
N PHE A 50 16.87 10.94 -8.71
CA PHE A 50 17.16 9.94 -7.69
C PHE A 50 15.93 9.10 -7.39
N VAL A 51 14.74 9.72 -7.32
CA VAL A 51 13.53 8.95 -7.06
C VAL A 51 13.26 7.96 -8.20
N LEU A 52 13.41 8.42 -9.45
CA LEU A 52 13.18 7.53 -10.58
C LEU A 52 14.19 6.39 -10.60
N GLY A 53 15.46 6.68 -10.30
CA GLY A 53 16.46 5.62 -10.26
C GLY A 53 16.19 4.59 -9.18
N PHE A 54 15.82 5.05 -7.98
CA PHE A 54 15.49 4.13 -6.90
C PHE A 54 14.28 3.29 -7.24
N TYR A 55 13.25 3.90 -7.85
CA TYR A 55 12.06 3.15 -8.22
C TYR A 55 12.37 2.11 -9.29
N ILE A 56 13.22 2.47 -10.27
CA ILE A 56 13.60 1.51 -11.30
C ILE A 56 14.39 0.36 -10.70
N ALA A 57 15.31 0.66 -9.78
CA ALA A 57 16.08 -0.40 -9.12
C ALA A 57 15.17 -1.32 -8.32
N GLN A 58 14.19 -0.75 -7.61
CA GLN A 58 13.25 -1.56 -6.84
C GLN A 58 12.40 -2.43 -7.76
N ILE A 59 11.98 -1.88 -8.91
CA ILE A 59 11.22 -2.67 -9.88
C ILE A 59 12.04 -3.84 -10.39
N VAL A 60 13.31 -3.59 -10.73
CA VAL A 60 14.17 -4.65 -11.22
C VAL A 60 14.37 -5.73 -10.14
N PHE A 61 14.59 -5.31 -8.90
CA PHE A 61 14.76 -6.27 -7.82
C PHE A 61 13.49 -7.11 -7.61
N SER A 62 12.33 -6.46 -7.66
CA SER A 62 11.08 -7.19 -7.49
C SER A 62 10.86 -8.18 -8.63
N GLU A 63 11.18 -7.77 -9.86
CA GLU A 63 11.04 -8.69 -10.99
C GLU A 63 11.98 -9.88 -10.86
N PHE A 64 13.22 -9.64 -10.43
CA PHE A 64 14.15 -10.75 -10.22
C PHE A 64 13.67 -11.69 -9.13
N ASN A 65 13.15 -11.13 -8.04
CA ASN A 65 12.61 -11.97 -6.97
C ASN A 65 11.42 -12.79 -7.44
N ARG A 66 10.54 -12.18 -8.23
CA ARG A 66 9.40 -12.92 -8.77
C ARG A 66 9.84 -14.04 -9.69
N MET A 67 10.84 -13.78 -10.53
CA MET A 67 11.37 -14.84 -11.40
C MET A 67 11.97 -15.97 -10.59
N ARG A 68 12.73 -15.64 -9.54
CA ARG A 68 13.31 -16.67 -8.69
C ARG A 68 12.23 -17.50 -8.00
N LEU A 69 11.19 -16.84 -7.50
CA LEU A 69 10.11 -17.57 -6.84
C LEU A 69 9.36 -18.45 -7.82
N SER A 70 9.14 -17.97 -9.05
CA SER A 70 8.49 -18.80 -10.06
C SER A 70 9.34 -20.00 -10.41
N ASP A 71 10.66 -19.82 -10.52
CA ASP A 71 11.55 -20.94 -10.80
C ASP A 71 11.52 -21.96 -9.66
N TRP A 72 11.48 -21.48 -8.41
CA TRP A 72 11.39 -22.39 -7.27
C TRP A 72 10.07 -23.16 -7.28
N ILE A 73 8.97 -22.47 -7.60
CA ILE A 73 7.66 -23.12 -7.60
C ILE A 73 7.57 -24.15 -8.72
N SER A 74 8.21 -23.86 -9.86
CA SER A 74 8.15 -24.79 -10.99
C SER A 74 8.71 -26.17 -10.67
N LEU A 75 9.55 -26.27 -9.64
CA LEU A 75 10.10 -27.56 -9.22
C LEU A 75 9.31 -28.19 -8.08
N ARG A 76 8.21 -27.57 -7.65
CA ARG A 76 7.43 -28.12 -6.55
C ARG A 76 6.65 -29.34 -7.01
N PRO A 77 6.79 -30.49 -6.35
CA PRO A 77 5.99 -31.65 -6.71
C PRO A 77 4.51 -31.43 -6.40
N ASP A 78 3.66 -32.10 -7.17
CA ASP A 78 2.23 -31.99 -6.97
C ASP A 78 1.81 -32.58 -5.62
N ASN A 79 0.79 -31.98 -5.01
CA ASN A 79 0.26 -32.41 -3.72
C ASN A 79 1.36 -32.41 -2.65
N TRP A 80 2.05 -31.29 -2.52
CA TRP A 80 3.14 -31.16 -1.56
C TRP A 80 2.56 -30.81 -0.19
N ASN A 81 2.71 -31.74 0.76
CA ASN A 81 2.23 -31.54 2.12
C ASN A 81 3.23 -32.06 3.15
N ALA A 82 4.53 -31.96 2.84
CA ALA A 82 5.55 -32.52 3.73
C ALA A 82 5.54 -31.84 5.10
N THR A 83 5.42 -30.53 5.13
CA THR A 83 5.46 -29.78 6.38
C THR A 83 4.08 -29.72 7.01
N ARG A 84 4.06 -29.47 8.32
CA ARG A 84 2.83 -29.34 9.10
C ARG A 84 2.67 -27.89 9.53
N VAL A 85 1.46 -27.36 9.35
CA VAL A 85 1.18 -25.95 9.65
C VAL A 85 -0.03 -25.88 10.57
N ALA A 86 -0.08 -24.83 11.38
CA ALA A 86 -1.20 -24.55 12.27
C ALA A 86 -1.66 -23.11 12.05
N VAL A 87 -2.98 -22.92 12.06
CA VAL A 87 -3.58 -21.62 11.81
C VAL A 87 -3.92 -20.96 13.13
N ILE A 88 -3.44 -19.74 13.34
CA ILE A 88 -3.71 -18.95 14.53
C ILE A 88 -4.45 -17.69 14.12
N ILE A 89 -5.62 -17.45 14.72
CA ILE A 89 -6.46 -16.31 14.41
C ILE A 89 -6.74 -15.55 15.69
N ALA A 90 -6.50 -14.24 15.67
CA ALA A 90 -6.76 -13.36 16.79
C ALA A 90 -7.68 -12.22 16.35
N GLY A 91 -8.64 -11.89 17.19
CA GLY A 91 -9.59 -10.83 16.87
C GLY A 91 -10.16 -10.20 18.12
N TYR A 92 -10.72 -9.00 17.94
CA TYR A 92 -11.32 -8.26 19.03
C TYR A 92 -12.32 -7.25 18.45
N ARG A 93 -13.56 -7.29 18.95
CA ARG A 93 -14.62 -6.40 18.49
C ARG A 93 -14.80 -6.47 16.98
N GLU A 94 -14.77 -7.69 16.44
CA GLU A 94 -14.87 -7.91 15.02
C GLU A 94 -16.33 -8.04 14.59
N ASP A 95 -16.65 -7.51 13.42
CA ASP A 95 -17.99 -7.62 12.88
C ASP A 95 -18.32 -9.09 12.62
N PRO A 96 -19.53 -9.54 12.97
CA PRO A 96 -19.84 -10.97 12.82
C PRO A 96 -19.71 -11.49 11.39
N PHE A 97 -20.12 -10.70 10.39
CA PHE A 97 -20.03 -11.16 9.01
C PHE A 97 -18.59 -11.33 8.57
N MET A 98 -17.72 -10.38 8.93
CA MET A 98 -16.31 -10.49 8.58
C MET A 98 -15.67 -11.70 9.24
N PHE A 99 -15.97 -11.93 10.51
CA PHE A 99 -15.40 -13.09 11.21
C PHE A 99 -15.89 -14.40 10.59
N LYS A 100 -17.18 -14.48 10.26
CA LYS A 100 -17.70 -15.68 9.63
C LYS A 100 -17.06 -15.92 8.27
N LYS A 101 -16.90 -14.86 7.47
CA LYS A 101 -16.27 -15.01 6.16
C LYS A 101 -14.81 -15.44 6.30
N CYS A 102 -14.09 -14.88 7.27
CA CYS A 102 -12.71 -15.27 7.50
C CYS A 102 -12.62 -16.74 7.91
N LEU A 103 -13.50 -17.18 8.81
CA LEU A 103 -13.49 -18.58 9.21
C LEU A 103 -13.81 -19.50 8.04
N GLU A 104 -14.78 -19.12 7.20
CA GLU A 104 -15.09 -19.93 6.03
C GLU A 104 -13.92 -19.98 5.06
N SER A 105 -13.25 -18.85 4.86
CA SER A 105 -12.10 -18.82 3.95
C SER A 105 -10.97 -19.70 4.47
N VAL A 106 -10.71 -19.66 5.78
CA VAL A 106 -9.69 -20.53 6.36
C VAL A 106 -10.09 -21.99 6.19
N ARG A 107 -11.37 -22.31 6.42
CA ARG A 107 -11.85 -23.67 6.23
C ARG A 107 -11.81 -24.11 4.77
N ASP A 108 -11.82 -23.16 3.83
CA ASP A 108 -11.80 -23.49 2.41
C ASP A 108 -10.40 -23.73 1.87
N SER A 109 -9.36 -23.63 2.71
CA SER A 109 -8.00 -23.85 2.24
C SER A 109 -7.83 -25.28 1.74
N GLU A 110 -7.07 -25.42 0.65
CA GLU A 110 -6.87 -26.71 0.01
C GLU A 110 -5.66 -27.46 0.55
N TYR A 111 -4.95 -26.90 1.53
CA TYR A 111 -3.78 -27.58 2.08
C TYR A 111 -4.22 -28.79 2.89
N GLY A 112 -3.61 -29.93 2.62
CA GLY A 112 -3.95 -31.19 3.25
C GLY A 112 -3.19 -31.53 4.52
N ASN A 113 -2.36 -30.62 5.02
CA ASN A 113 -1.56 -30.85 6.23
C ASN A 113 -1.78 -29.69 7.19
N VAL A 114 -2.83 -29.79 8.00
CA VAL A 114 -3.13 -28.82 9.04
C VAL A 114 -3.34 -29.59 10.35
N ALA A 115 -2.49 -29.33 11.34
CA ALA A 115 -2.59 -30.04 12.61
C ALA A 115 -3.88 -29.64 13.35
N ARG A 116 -4.12 -28.35 13.49
CA ARG A 116 -5.29 -27.85 14.21
C ARG A 116 -5.43 -26.36 13.91
N LEU A 117 -6.60 -25.83 14.25
CA LEU A 117 -6.87 -24.40 14.14
C LEU A 117 -6.99 -23.81 15.53
N ILE A 118 -6.22 -22.76 15.79
CA ILE A 118 -6.19 -22.10 17.09
C ILE A 118 -6.81 -20.72 16.96
N CYS A 119 -7.81 -20.44 17.78
CA CYS A 119 -8.49 -19.15 17.79
C CYS A 119 -8.40 -18.58 19.19
N VAL A 120 -7.69 -17.46 19.34
CA VAL A 120 -7.51 -16.80 20.63
C VAL A 120 -8.19 -15.44 20.55
N ILE A 121 -9.13 -15.20 21.46
CA ILE A 121 -9.88 -13.95 21.51
C ILE A 121 -9.70 -13.34 22.90
N ASP A 122 -9.32 -12.06 22.94
CA ASP A 122 -9.18 -11.34 24.20
C ASP A 122 -10.56 -10.87 24.66
N GLY A 123 -11.34 -11.83 25.16
CA GLY A 123 -12.71 -11.57 25.54
C GLY A 123 -12.95 -11.62 27.03
N ASP A 124 -13.48 -12.74 27.51
CA ASP A 124 -13.86 -12.92 28.91
C ASP A 124 -14.88 -11.87 29.34
N GLU A 125 -15.81 -11.56 28.44
CA GLU A 125 -16.86 -10.59 28.70
C GLU A 125 -18.14 -11.04 28.02
N GLU A 126 -19.27 -10.49 28.49
CA GLU A 126 -20.57 -10.87 27.93
C GLU A 126 -20.68 -10.47 26.46
N GLU A 127 -20.20 -9.28 26.11
CA GLU A 127 -20.28 -8.81 24.72
C GLU A 127 -19.33 -9.57 23.80
N ASP A 128 -18.33 -10.25 24.36
CA ASP A 128 -17.37 -11.00 23.56
C ASP A 128 -17.81 -12.44 23.30
N LEU A 129 -18.94 -12.87 23.86
CA LEU A 129 -19.43 -14.21 23.60
C LEU A 129 -19.94 -14.39 22.18
N LYS A 130 -20.17 -13.30 21.46
CA LYS A 130 -20.61 -13.40 20.07
C LYS A 130 -19.53 -14.05 19.20
N MET A 131 -18.26 -13.74 19.46
CA MET A 131 -17.17 -14.37 18.71
C MET A 131 -17.17 -15.88 18.94
N ALA A 132 -17.34 -16.32 20.19
CA ALA A 132 -17.40 -17.75 20.48
C ALA A 132 -18.61 -18.40 19.83
N GLU A 133 -19.75 -17.72 19.85
CA GLU A 133 -20.95 -18.26 19.21
C GLU A 133 -20.75 -18.42 17.71
N ILE A 134 -20.12 -17.43 17.07
CA ILE A 134 -19.84 -17.53 15.64
C ILE A 134 -18.86 -18.67 15.37
N TYR A 135 -17.84 -18.81 16.21
CA TYR A 135 -16.88 -19.89 16.03
C TYR A 135 -17.54 -21.25 16.17
N LYS A 136 -18.48 -21.39 17.11
CA LYS A 136 -19.16 -22.67 17.29
C LYS A 136 -20.04 -23.02 16.09
N GLN A 137 -20.51 -22.00 15.36
CA GLN A 137 -21.33 -22.26 14.18
C GLN A 137 -20.50 -22.76 13.00
N VAL A 138 -19.21 -22.38 12.94
CA VAL A 138 -18.35 -22.77 11.84
C VAL A 138 -17.43 -23.93 12.19
N TYR A 139 -17.14 -24.15 13.48
CA TYR A 139 -16.21 -25.19 13.90
C TYR A 139 -16.80 -25.88 15.12
N ASN A 140 -15.96 -26.65 15.82
CA ASN A 140 -16.41 -27.42 16.97
C ASN A 140 -16.76 -26.48 18.12
N ASP A 141 -17.46 -27.04 19.12
CA ASP A 141 -17.91 -26.30 20.28
C ASP A 141 -16.90 -26.32 21.42
N ASN A 142 -15.71 -26.87 21.19
CA ASN A 142 -14.67 -26.94 22.23
C ASN A 142 -14.08 -25.55 22.44
N VAL A 143 -14.80 -24.75 23.23
CA VAL A 143 -14.39 -23.39 23.56
C VAL A 143 -14.07 -23.34 25.05
N LYS A 144 -12.87 -22.88 25.38
CA LYS A 144 -12.41 -22.78 26.76
C LYS A 144 -12.24 -21.32 27.15
N LYS A 145 -12.57 -21.00 28.40
CA LYS A 145 -12.47 -19.64 28.93
C LYS A 145 -11.65 -19.68 30.21
N PRO A 146 -10.33 -19.76 30.10
CA PRO A 146 -9.49 -19.75 31.30
C PRO A 146 -9.57 -18.41 32.02
N GLY A 147 -9.41 -18.46 33.34
CA GLY A 147 -9.46 -17.27 34.16
C GLY A 147 -8.14 -16.57 34.37
N VAL A 148 -7.07 -17.03 33.71
CA VAL A 148 -5.74 -16.45 33.86
C VAL A 148 -5.14 -16.22 32.48
N VAL A 149 -4.11 -15.38 32.44
CA VAL A 149 -3.38 -15.06 31.23
C VAL A 149 -2.05 -15.78 31.26
N LEU A 150 -1.69 -16.44 30.16
CA LEU A 150 -0.45 -17.22 30.11
C LEU A 150 0.77 -16.32 30.30
N CYS A 151 0.75 -15.13 29.71
CA CYS A 151 1.89 -14.22 29.85
C CYS A 151 2.10 -13.80 31.29
N GLU A 152 1.02 -13.53 32.03
CA GLU A 152 1.11 -13.09 33.41
C GLU A 152 1.13 -14.24 34.40
N SER A 153 1.04 -15.48 33.94
CA SER A 153 1.07 -16.64 34.82
C SER A 153 2.50 -17.10 35.06
N GLU A 154 2.72 -17.69 36.24
CA GLU A 154 4.05 -18.22 36.56
C GLU A 154 4.43 -19.36 35.65
N ASN A 155 3.47 -20.18 35.25
CA ASN A 155 3.70 -21.28 34.32
C ASN A 155 3.22 -20.83 32.94
N LYS A 156 4.18 -20.59 32.04
CA LYS A 156 3.85 -20.13 30.69
C LYS A 156 3.42 -21.25 29.77
N ASN A 157 3.54 -22.51 30.19
CA ASN A 157 3.06 -23.62 29.38
C ASN A 157 1.54 -23.61 29.32
N GLY A 158 1.00 -23.93 28.15
CA GLY A 158 -0.43 -23.96 27.95
C GLY A 158 -1.14 -25.21 28.38
N SER A 159 -0.42 -26.19 28.94
CA SER A 159 -1.05 -27.44 29.36
C SER A 159 -2.00 -27.24 30.53
N THR A 160 -1.86 -26.15 31.27
CA THR A 160 -2.79 -25.89 32.37
C THR A 160 -4.17 -25.51 31.86
N ILE A 161 -4.26 -24.93 30.66
CA ILE A 161 -5.54 -24.52 30.11
C ILE A 161 -6.03 -25.42 28.98
N ASP A 162 -5.15 -26.24 28.40
CA ASP A 162 -5.52 -27.13 27.30
C ASP A 162 -4.99 -28.53 27.58
N SER A 163 -5.77 -29.53 27.19
CA SER A 163 -5.39 -30.93 27.37
C SER A 163 -5.47 -31.76 26.11
N ASP A 164 -6.10 -31.27 25.04
CA ASP A 164 -6.23 -32.00 23.79
C ASP A 164 -5.63 -31.18 22.66
N VAL A 165 -4.88 -31.85 21.79
CA VAL A 165 -4.20 -31.20 20.68
C VAL A 165 -4.93 -31.44 19.35
N SER A 166 -5.47 -32.65 19.17
CA SER A 166 -6.13 -32.98 17.90
C SER A 166 -7.37 -32.12 17.69
N LYS A 167 -8.15 -31.90 18.74
CA LYS A 167 -9.39 -31.13 18.61
C LYS A 167 -9.08 -29.63 18.58
N ASN A 168 -9.83 -28.91 17.75
CA ASN A 168 -9.68 -27.46 17.68
C ASN A 168 -10.15 -26.83 18.98
N ILE A 169 -9.46 -25.77 19.39
CA ILE A 169 -9.73 -25.10 20.67
C ILE A 169 -9.89 -23.61 20.44
N CYS A 170 -10.80 -23.00 21.19
CA CYS A 170 -10.99 -21.56 21.21
C CYS A 170 -10.77 -21.07 22.63
N ILE A 171 -9.94 -20.03 22.78
CA ILE A 171 -9.53 -19.52 24.08
C ILE A 171 -10.08 -18.11 24.26
N LEU A 172 -10.75 -17.89 25.39
CA LEU A 172 -11.23 -16.57 25.78
C LEU A 172 -10.43 -16.11 26.99
N GLN A 173 -9.80 -14.96 26.87
CA GLN A 173 -8.90 -14.42 27.88
C GLN A 173 -9.27 -12.98 28.17
N PRO A 174 -8.91 -12.47 29.35
CA PRO A 174 -9.18 -11.06 29.65
C PRO A 174 -8.47 -10.13 28.67
N HIS A 175 -9.09 -8.99 28.41
CA HIS A 175 -8.60 -8.05 27.42
C HIS A 175 -7.24 -7.47 27.83
N ARG A 176 -6.18 -7.89 27.14
CA ARG A 176 -4.84 -7.39 27.38
C ARG A 176 -4.19 -6.80 26.14
N GLY A 177 -4.58 -7.23 24.95
CA GLY A 177 -4.00 -6.72 23.72
C GLY A 177 -3.65 -7.81 22.73
N LYS A 178 -3.28 -7.44 21.51
CA LYS A 178 -2.90 -8.41 20.50
C LYS A 178 -1.60 -9.13 20.86
N ARG A 179 -0.76 -8.50 21.69
CA ARG A 179 0.49 -9.14 22.09
C ARG A 179 0.25 -10.43 22.86
N GLU A 180 -0.71 -10.42 23.78
CA GLU A 180 -1.01 -11.61 24.57
C GLU A 180 -1.77 -12.66 23.76
N SER A 181 -2.58 -12.23 22.79
CA SER A 181 -3.35 -13.19 21.99
C SER A 181 -2.43 -14.08 21.17
N LEU A 182 -1.39 -13.51 20.57
CA LEU A 182 -0.47 -14.30 19.75
C LEU A 182 0.35 -15.26 20.61
N TYR A 183 0.71 -14.85 21.82
CA TYR A 183 1.49 -15.72 22.70
C TYR A 183 0.73 -16.98 23.06
N THR A 184 -0.58 -16.85 23.31
CA THR A 184 -1.40 -18.03 23.61
C THR A 184 -1.43 -18.99 22.43
N GLY A 185 -1.57 -18.46 21.22
CA GLY A 185 -1.54 -19.32 20.05
C GLY A 185 -0.20 -20.00 19.86
N PHE A 186 0.89 -19.27 20.10
CA PHE A 186 2.22 -19.87 19.99
C PHE A 186 2.40 -20.98 21.01
N GLN A 187 1.92 -20.76 22.24
CA GLN A 187 2.01 -21.79 23.27
C GLN A 187 1.18 -23.02 22.89
N LEU A 188 -0.02 -22.80 22.36
CA LEU A 188 -0.87 -23.92 21.98
C LEU A 188 -0.34 -24.65 20.75
N ALA A 189 0.46 -23.98 19.93
CA ALA A 189 1.02 -24.60 18.74
C ALA A 189 2.30 -25.38 19.01
N SER A 190 2.85 -25.27 20.21
CA SER A 190 4.07 -25.97 20.58
C SER A 190 3.81 -27.25 21.37
N MET A 191 2.56 -27.69 21.44
CA MET A 191 2.24 -28.88 22.23
C MET A 191 2.89 -30.13 21.65
N ASP A 192 2.87 -30.28 20.33
CA ASP A 192 3.41 -31.46 19.69
C ASP A 192 4.59 -31.11 18.79
N PRO A 193 5.59 -31.98 18.69
CA PRO A 193 6.72 -31.72 17.79
C PRO A 193 6.37 -31.85 16.31
N SER A 194 5.19 -32.38 15.98
CA SER A 194 4.82 -32.54 14.58
C SER A 194 4.67 -31.19 13.88
N VAL A 195 4.19 -30.18 14.60
CA VAL A 195 4.02 -28.85 14.01
C VAL A 195 5.38 -28.24 13.72
N HIS A 196 5.60 -27.82 12.48
CA HIS A 196 6.86 -27.22 12.06
C HIS A 196 6.74 -25.74 11.71
N ALA A 197 5.54 -25.23 11.46
CA ALA A 197 5.34 -23.84 11.12
C ALA A 197 3.91 -23.44 11.48
N VAL A 198 3.69 -22.13 11.60
CA VAL A 198 2.38 -21.57 11.89
C VAL A 198 2.14 -20.37 11.00
N VAL A 199 0.86 -20.12 10.72
CA VAL A 199 0.43 -18.99 9.90
C VAL A 199 -0.49 -18.11 10.73
N LEU A 200 -0.17 -16.82 10.81
CA LEU A 200 -0.96 -15.86 11.57
C LEU A 200 -1.94 -15.16 10.63
N ILE A 201 -3.22 -15.24 10.94
CA ILE A 201 -4.28 -14.69 10.11
C ILE A 201 -5.12 -13.75 10.98
N ASP A 202 -5.34 -12.53 10.50
CA ASP A 202 -6.19 -11.59 11.20
C ASP A 202 -7.66 -12.01 11.07
N SER A 203 -8.48 -11.50 11.98
CA SER A 203 -9.89 -11.86 11.99
C SER A 203 -10.64 -11.30 10.79
N ASP A 204 -10.08 -10.32 10.09
CA ASP A 204 -10.72 -9.70 8.93
C ASP A 204 -10.00 -10.05 7.64
N THR A 205 -9.31 -11.19 7.59
CA THR A 205 -8.55 -11.62 6.43
C THR A 205 -9.27 -12.75 5.73
N VAL A 206 -9.45 -12.62 4.42
CA VAL A 206 -10.06 -13.64 3.59
C VAL A 206 -8.96 -14.30 2.78
N LEU A 207 -8.79 -15.62 2.98
CA LEU A 207 -7.73 -16.38 2.36
C LEU A 207 -8.22 -17.09 1.11
N GLU A 208 -7.31 -17.27 0.15
CA GLU A 208 -7.60 -18.02 -1.06
C GLU A 208 -7.53 -19.52 -0.78
N LYS A 209 -7.83 -20.32 -1.80
CA LYS A 209 -7.80 -21.77 -1.65
C LYS A 209 -6.37 -22.26 -1.38
N ASN A 210 -5.39 -21.70 -2.08
CA ASN A 210 -4.00 -22.12 -1.94
C ASN A 210 -3.15 -21.10 -1.20
N ALA A 211 -3.77 -20.24 -0.37
CA ALA A 211 -3.01 -19.23 0.35
C ALA A 211 -2.05 -19.86 1.35
N ILE A 212 -2.49 -20.91 2.05
CA ILE A 212 -1.65 -21.54 3.07
C ILE A 212 -0.44 -22.20 2.43
N LEU A 213 -0.63 -22.87 1.30
CA LEU A 213 0.48 -23.57 0.66
C LEU A 213 1.57 -22.59 0.19
N GLU A 214 1.15 -21.45 -0.36
CA GLU A 214 2.12 -20.50 -0.91
C GLU A 214 2.95 -19.80 0.16
N VAL A 215 2.50 -19.80 1.42
CA VAL A 215 3.26 -19.19 2.49
C VAL A 215 4.07 -20.20 3.29
N VAL A 216 3.88 -21.49 3.06
CA VAL A 216 4.67 -22.52 3.72
C VAL A 216 5.66 -23.18 2.78
N TYR A 217 5.44 -23.14 1.47
CA TYR A 217 6.41 -23.72 0.53
C TYR A 217 7.78 -23.05 0.60
N PRO A 218 7.91 -21.72 0.61
CA PRO A 218 9.25 -21.13 0.64
C PRO A 218 10.04 -21.47 1.90
N LEU A 219 9.37 -21.86 2.99
CA LEU A 219 10.09 -22.21 4.21
C LEU A 219 11.01 -23.40 4.00
N SER A 220 10.53 -24.42 3.28
CA SER A 220 11.33 -25.61 3.02
C SER A 220 12.33 -25.42 1.88
N CYS A 221 12.21 -24.35 1.10
CA CYS A 221 13.13 -24.14 -0.02
C CYS A 221 14.56 -23.92 0.46
N ASP A 222 14.74 -23.12 1.51
CA ASP A 222 16.05 -22.83 2.05
C ASP A 222 16.04 -22.97 3.57
N PRO A 223 17.06 -23.60 4.14
CA PRO A 223 17.10 -23.72 5.61
C PRO A 223 17.16 -22.39 6.34
N ASN A 224 17.79 -21.38 5.75
CA ASN A 224 17.92 -20.08 6.41
C ASN A 224 16.62 -19.29 6.41
N ILE A 225 15.61 -19.70 5.65
CA ILE A 225 14.34 -19.00 5.61
C ILE A 225 13.51 -19.39 6.82
N LYS A 226 13.10 -18.40 7.62
CA LYS A 226 12.30 -18.65 8.81
C LYS A 226 10.93 -17.98 8.78
N ALA A 227 10.75 -16.93 7.99
CA ALA A 227 9.47 -16.24 7.88
C ALA A 227 9.14 -16.01 6.42
N VAL A 228 7.84 -16.06 6.11
CA VAL A 228 7.34 -15.86 4.75
C VAL A 228 6.25 -14.79 4.81
N ALA A 229 6.34 -13.81 3.91
CA ALA A 229 5.39 -12.71 3.84
C ALA A 229 4.40 -12.94 2.70
N GLY A 230 3.13 -12.66 2.97
CA GLY A 230 2.07 -12.82 1.99
C GLY A 230 1.50 -11.46 1.59
N GLU A 231 1.04 -11.38 0.34
CA GLU A 231 0.48 -10.13 -0.17
C GLU A 231 -0.88 -9.87 0.45
N CYS A 232 -1.16 -8.60 0.74
CA CYS A 232 -2.44 -8.17 1.27
C CYS A 232 -3.09 -7.19 0.30
N LYS A 233 -4.35 -7.44 -0.04
CA LYS A 233 -5.08 -6.63 -0.98
C LYS A 233 -6.36 -6.10 -0.34
N ILE A 234 -6.68 -4.84 -0.62
CA ILE A 234 -7.90 -4.22 -0.10
C ILE A 234 -9.07 -4.60 -0.99
N TRP A 235 -10.12 -5.14 -0.38
CA TRP A 235 -11.26 -5.64 -1.15
C TRP A 235 -12.33 -4.59 -1.39
N ASN A 236 -12.53 -3.65 -0.46
CA ASN A 236 -13.55 -2.63 -0.61
C ASN A 236 -12.95 -1.38 -1.24
N THR A 237 -13.56 -0.91 -2.32
CA THR A 237 -13.12 0.27 -3.04
C THR A 237 -14.29 1.21 -3.30
N ASP A 238 -15.19 1.34 -2.32
CA ASP A 238 -16.36 2.20 -2.45
C ASP A 238 -16.09 3.62 -1.96
N THR A 239 -14.86 3.94 -1.55
CA THR A 239 -14.52 5.26 -1.07
C THR A 239 -13.24 5.72 -1.78
N ILE A 240 -13.13 7.04 -1.97
CA ILE A 240 -11.96 7.59 -2.65
C ILE A 240 -10.69 7.32 -1.84
N LEU A 241 -10.78 7.36 -0.52
CA LEU A 241 -9.62 7.04 0.31
C LEU A 241 -9.24 5.57 0.17
N SER A 242 -10.23 4.67 0.24
CA SER A 242 -9.96 3.24 0.12
C SER A 242 -9.47 2.89 -1.29
N MET A 243 -9.96 3.60 -2.31
CA MET A 243 -9.52 3.33 -3.67
C MET A 243 -8.03 3.60 -3.84
N LEU A 244 -7.54 4.67 -3.23
CA LEU A 244 -6.10 4.97 -3.27
C LEU A 244 -5.32 4.05 -2.34
N VAL A 245 -5.91 3.68 -1.20
CA VAL A 245 -5.21 2.83 -0.24
C VAL A 245 -4.97 1.45 -0.84
N SER A 246 -5.94 0.94 -1.61
CA SER A 246 -5.77 -0.37 -2.24
C SER A 246 -4.57 -0.38 -3.18
N TRP A 247 -4.46 0.64 -4.03
CA TRP A 247 -3.34 0.69 -4.96
C TRP A 247 -2.03 0.97 -4.23
N ARG A 248 -2.05 1.74 -3.15
CA ARG A 248 -0.85 1.94 -2.36
C ARG A 248 -0.36 0.63 -1.76
N TYR A 249 -1.29 -0.16 -1.21
CA TYR A 249 -0.92 -1.47 -0.67
C TYR A 249 -0.37 -2.38 -1.76
N PHE A 250 -1.02 -2.39 -2.93
CA PHE A 250 -0.57 -3.21 -4.05
C PHE A 250 0.86 -2.84 -4.45
N SER A 251 1.10 -1.53 -4.64
CA SER A 251 2.42 -1.08 -5.05
C SER A 251 3.47 -1.39 -3.99
N ALA A 252 3.15 -1.13 -2.72
CA ALA A 252 4.09 -1.43 -1.65
C ALA A 252 4.46 -2.90 -1.63
N PHE A 253 3.46 -3.77 -1.61
CA PHE A 253 3.73 -5.21 -1.51
C PHE A 253 4.49 -5.72 -2.72
N ASN A 254 4.16 -5.24 -3.92
CA ASN A 254 4.77 -5.77 -5.13
C ASN A 254 6.05 -5.05 -5.53
N VAL A 255 6.45 -4.00 -4.81
CA VAL A 255 7.72 -3.34 -5.13
C VAL A 255 8.67 -3.42 -3.95
N GLU A 256 8.30 -2.80 -2.82
CA GLU A 256 9.24 -2.70 -1.70
C GLU A 256 9.47 -4.06 -1.05
N ARG A 257 8.39 -4.80 -0.81
CA ARG A 257 8.52 -6.11 -0.19
C ARG A 257 9.29 -7.07 -1.10
N GLY A 258 9.03 -7.02 -2.41
CA GLY A 258 9.79 -7.85 -3.33
C GLY A 258 11.26 -7.50 -3.37
N ALA A 259 11.58 -6.20 -3.38
CA ALA A 259 12.98 -5.78 -3.37
C ALA A 259 13.67 -6.23 -2.09
N GLN A 260 12.98 -6.11 -0.95
CA GLN A 260 13.56 -6.58 0.30
C GLN A 260 13.77 -8.09 0.30
N SER A 261 12.80 -8.83 -0.24
CA SER A 261 12.87 -10.28 -0.25
C SER A 261 13.90 -10.80 -1.24
N LEU A 262 14.27 -10.02 -2.25
CA LEU A 262 15.33 -10.44 -3.15
C LEU A 262 16.64 -10.64 -2.40
N TRP A 263 16.96 -9.73 -1.49
CA TRP A 263 18.11 -9.87 -0.60
C TRP A 263 17.75 -10.55 0.71
N LYS A 264 16.49 -10.94 0.89
CA LYS A 264 16.01 -11.64 2.08
C LYS A 264 16.23 -10.80 3.35
N THR A 265 15.76 -9.55 3.29
CA THR A 265 15.84 -8.61 4.40
C THR A 265 14.50 -7.92 4.60
N VAL A 266 13.41 -8.70 4.60
CA VAL A 266 12.08 -8.15 4.77
C VAL A 266 11.89 -7.74 6.23
N GLN A 267 11.46 -6.49 6.44
CA GLN A 267 11.25 -5.96 7.78
C GLN A 267 9.79 -5.96 8.21
N CYS A 268 8.88 -6.52 7.40
CA CYS A 268 7.47 -6.56 7.75
C CYS A 268 6.82 -7.69 6.95
N VAL A 269 6.39 -8.74 7.66
CA VAL A 269 5.81 -9.89 6.97
C VAL A 269 4.34 -9.67 6.60
N GLY A 270 3.66 -8.70 7.20
CA GLY A 270 2.27 -8.45 6.89
C GLY A 270 1.32 -9.05 7.92
N GLY A 271 0.54 -8.19 8.57
CA GLY A 271 -0.38 -8.62 9.59
C GLY A 271 -1.47 -9.56 9.10
N PRO A 272 -2.20 -9.17 8.06
CA PRO A 272 -3.26 -10.05 7.53
C PRO A 272 -2.76 -11.41 7.07
N LEU A 273 -1.57 -11.48 6.48
CA LEU A 273 -1.05 -12.73 5.94
C LEU A 273 0.43 -12.83 6.28
N GLY A 274 0.81 -13.88 7.00
CA GLY A 274 2.20 -14.10 7.36
C GLY A 274 2.45 -15.50 7.87
N ALA A 275 3.69 -15.98 7.71
CA ALA A 275 4.07 -17.31 8.14
C ALA A 275 5.36 -17.24 8.94
N TYR A 276 5.52 -18.18 9.88
CA TYR A 276 6.69 -18.21 10.74
C TYR A 276 7.02 -19.66 11.08
N THR A 277 8.27 -19.87 11.48
CA THR A 277 8.73 -21.20 11.88
C THR A 277 8.60 -21.35 13.40
N ILE A 278 8.38 -22.59 13.83
CA ILE A 278 8.11 -22.85 15.25
C ILE A 278 9.36 -22.59 16.10
N ASP A 279 10.54 -22.96 15.58
CA ASP A 279 11.75 -22.86 16.39
C ASP A 279 12.13 -21.40 16.66
N ILE A 280 12.04 -20.54 15.65
CA ILE A 280 12.39 -19.14 15.85
C ILE A 280 11.41 -18.47 16.80
N ILE A 281 10.13 -18.85 16.72
CA ILE A 281 9.15 -18.32 17.66
C ILE A 281 9.46 -18.78 19.08
N ASN A 282 9.78 -20.07 19.25
CA ASN A 282 10.16 -20.55 20.57
C ASN A 282 11.40 -19.84 21.10
N GLU A 283 12.30 -19.45 20.20
CA GLU A 283 13.51 -18.74 20.64
C GLU A 283 13.21 -17.30 21.04
N ILE A 284 12.36 -16.61 20.28
CA ILE A 284 12.20 -15.16 20.43
C ILE A 284 10.90 -14.78 21.14
N LYS A 285 10.17 -15.76 21.69
CA LYS A 285 8.95 -15.44 22.42
C LYS A 285 9.24 -14.55 23.63
N ASP A 286 10.26 -14.90 24.41
CA ASP A 286 10.57 -14.14 25.63
C ASP A 286 10.97 -12.69 25.34
N PRO A 287 11.90 -12.40 24.41
CA PRO A 287 12.18 -10.98 24.11
C PRO A 287 10.98 -10.22 23.57
N TRP A 288 10.10 -10.90 22.82
CA TRP A 288 8.94 -10.23 22.23
C TRP A 288 7.90 -9.83 23.27
N ILE A 289 7.93 -10.45 24.45
CA ILE A 289 6.95 -10.18 25.50
C ILE A 289 7.60 -9.30 26.57
N THR A 290 8.92 -9.40 26.70
CA THR A 290 9.66 -8.65 27.72
C THR A 290 10.35 -7.43 27.13
N GLN A 291 9.68 -6.76 26.20
CA GLN A 291 10.25 -5.57 25.57
C GLN A 291 10.34 -4.42 26.56
N THR A 292 11.41 -3.64 26.44
CA THR A 292 11.61 -2.48 27.31
C THR A 292 12.31 -1.41 26.50
N PHE A 293 11.56 -0.36 26.12
CA PHE A 293 12.12 0.74 25.33
C PHE A 293 12.63 1.87 26.22
N LEU A 294 11.76 2.43 27.05
CA LEU A 294 12.12 3.51 27.96
C LEU A 294 11.50 3.26 29.34
N GLY A 295 11.54 2.02 29.80
CA GLY A 295 10.98 1.65 31.08
C GLY A 295 9.50 1.33 31.06
N ASN A 296 8.83 1.46 29.92
CA ASN A 296 7.41 1.18 29.78
C ASN A 296 7.20 0.14 28.69
N LYS A 297 6.29 -0.79 28.95
CA LYS A 297 5.98 -1.83 27.97
C LYS A 297 5.30 -1.23 26.75
N CYS A 298 5.72 -1.68 25.57
CA CYS A 298 5.17 -1.19 24.32
C CYS A 298 3.94 -2.01 23.92
N THR A 299 2.97 -1.32 23.33
CA THR A 299 1.74 -1.96 22.85
C THR A 299 1.61 -1.97 21.35
N TYR A 300 2.13 -0.96 20.65
CA TYR A 300 2.08 -0.90 19.20
C TYR A 300 3.26 -1.65 18.61
N GLY A 301 3.35 -1.64 17.28
CA GLY A 301 4.41 -2.36 16.59
C GLY A 301 4.34 -3.86 16.76
N ASP A 302 3.15 -4.44 16.62
CA ASP A 302 2.99 -5.88 16.81
C ASP A 302 3.75 -6.68 15.76
N ASP A 303 3.73 -6.23 14.51
CA ASP A 303 4.31 -6.98 13.41
C ASP A 303 5.76 -6.59 13.16
N ARG A 304 6.07 -5.29 13.18
N ARG A 304 6.08 -5.29 13.19
CA ARG A 304 7.43 -4.84 12.89
CA ARG A 304 7.43 -4.84 12.89
C ARG A 304 8.43 -5.37 13.90
C ARG A 304 8.43 -5.37 13.91
N ARG A 305 8.05 -5.39 15.19
CA ARG A 305 8.96 -5.87 16.22
C ARG A 305 9.30 -7.34 16.04
N LEU A 306 8.31 -8.16 15.67
CA LEU A 306 8.57 -9.58 15.46
C LEU A 306 9.56 -9.79 14.31
N THR A 307 9.36 -9.06 13.21
CA THR A 307 10.29 -9.17 12.08
C THR A 307 11.69 -8.69 12.47
N ASN A 308 11.77 -7.62 13.27
CA ASN A 308 13.06 -7.14 13.74
C ASN A 308 13.75 -8.20 14.60
N GLU A 309 13.00 -8.84 15.50
CA GLU A 309 13.58 -9.90 16.33
C GLU A 309 14.06 -11.07 15.48
N VAL A 310 13.30 -11.42 14.44
CA VAL A 310 13.75 -12.47 13.52
C VAL A 310 15.03 -12.06 12.83
N LEU A 311 15.12 -10.81 12.38
CA LEU A 311 16.30 -10.34 11.68
C LEU A 311 17.53 -10.28 12.59
N MET A 312 17.32 -10.00 13.88
CA MET A 312 18.45 -9.92 14.80
C MET A 312 19.20 -11.24 14.93
N ARG A 313 18.55 -12.36 14.62
CA ARG A 313 19.17 -13.67 14.69
C ARG A 313 19.93 -14.04 13.43
N GLY A 314 19.94 -13.17 12.42
CA GLY A 314 20.60 -13.48 11.17
C GLY A 314 19.80 -14.31 10.21
N LYS A 315 18.53 -14.59 10.52
CA LYS A 315 17.69 -15.40 9.66
C LYS A 315 17.22 -14.60 8.45
N LYS A 316 16.72 -15.33 7.46
CA LYS A 316 16.29 -14.74 6.19
C LYS A 316 14.77 -14.81 6.07
N ILE A 317 14.18 -13.75 5.52
CA ILE A 317 12.74 -13.66 5.32
C ILE A 317 12.48 -13.43 3.83
N VAL A 318 11.61 -14.25 3.25
CA VAL A 318 11.30 -14.19 1.83
C VAL A 318 9.81 -13.93 1.66
N TYR A 319 9.47 -12.90 0.88
CA TYR A 319 8.09 -12.55 0.59
C TYR A 319 7.69 -13.13 -0.75
N THR A 320 6.46 -13.67 -0.81
CA THR A 320 5.93 -14.24 -2.04
C THR A 320 4.65 -13.50 -2.43
N PRO A 321 4.47 -13.19 -3.71
CA PRO A 321 3.24 -12.52 -4.15
C PRO A 321 2.12 -13.46 -4.56
N PHE A 322 2.40 -14.75 -4.73
CA PHE A 322 1.37 -15.69 -5.18
C PHE A 322 0.31 -15.94 -4.10
N ALA A 323 0.60 -15.60 -2.85
CA ALA A 323 -0.39 -15.70 -1.78
C ALA A 323 -1.18 -14.41 -1.71
N VAL A 324 -2.51 -14.52 -1.79
CA VAL A 324 -3.40 -13.36 -1.86
C VAL A 324 -4.26 -13.35 -0.60
N GLY A 325 -4.23 -12.23 0.11
CA GLY A 325 -5.09 -12.04 1.27
C GLY A 325 -5.88 -10.76 1.15
N TRP A 326 -7.15 -10.84 1.53
CA TRP A 326 -8.07 -9.72 1.41
C TRP A 326 -8.38 -9.16 2.79
N SER A 327 -8.23 -7.86 2.95
CA SER A 327 -8.50 -7.19 4.22
C SER A 327 -9.17 -5.85 3.94
N ASP A 328 -9.91 -5.36 4.94
CA ASP A 328 -10.63 -4.10 4.80
C ASP A 328 -9.70 -2.92 5.08
N SER A 329 -10.16 -1.74 4.69
CA SER A 329 -9.42 -0.51 4.88
C SER A 329 -10.33 0.55 5.49
N PRO A 330 -9.81 1.41 6.35
CA PRO A 330 -10.63 2.48 6.92
C PRO A 330 -11.11 3.46 5.86
N THR A 331 -12.33 3.95 6.05
CA THR A 331 -12.93 4.91 5.13
C THR A 331 -13.04 6.31 5.73
N ASN A 332 -12.44 6.54 6.90
CA ASN A 332 -12.50 7.82 7.58
C ASN A 332 -11.12 8.47 7.59
N VAL A 333 -11.09 9.77 7.28
CA VAL A 333 -9.82 10.49 7.21
C VAL A 333 -9.14 10.51 8.57
N MET A 334 -9.90 10.77 9.64
CA MET A 334 -9.32 10.83 10.97
C MET A 334 -8.76 9.47 11.39
N ARG A 335 -9.50 8.39 11.12
CA ARG A 335 -9.02 7.06 11.46
C ARG A 335 -7.77 6.70 10.67
N TYR A 336 -7.76 7.06 9.38
CA TYR A 336 -6.57 6.81 8.57
C TYR A 336 -5.37 7.59 9.10
N ILE A 337 -5.59 8.84 9.52
CA ILE A 337 -4.51 9.65 10.08
C ILE A 337 -3.98 9.02 11.35
N VAL A 338 -4.87 8.54 12.22
CA VAL A 338 -4.44 7.90 13.46
C VAL A 338 -3.64 6.64 13.17
N GLN A 339 -4.13 5.82 12.23
CA GLN A 339 -3.42 4.60 11.88
C GLN A 339 -2.04 4.90 11.30
N GLN A 340 -1.96 5.91 10.43
CA GLN A 340 -0.66 6.30 9.87
C GLN A 340 0.28 6.83 10.93
N THR A 341 -0.25 7.57 11.91
CA THR A 341 0.57 8.06 13.01
C THR A 341 1.13 6.90 13.83
N ARG A 342 0.28 5.91 14.13
CA ARG A 342 0.76 4.75 14.88
C ARG A 342 1.82 3.98 14.09
N TRP A 343 1.59 3.80 12.79
CA TRP A 343 2.57 3.09 11.96
C TRP A 343 3.88 3.85 11.89
N SER A 344 3.82 5.18 11.78
CA SER A 344 5.04 5.98 11.77
C SER A 344 5.77 5.89 13.10
N LYS A 345 5.04 5.89 14.21
CA LYS A 345 5.66 5.72 15.52
C LYS A 345 6.39 4.38 15.59
N SER A 346 5.72 3.31 15.16
CA SER A 346 6.35 1.99 15.20
C SER A 346 7.59 1.95 14.30
N TRP A 347 7.50 2.52 13.10
CA TRP A 347 8.63 2.49 12.17
C TRP A 347 9.81 3.28 12.71
N CYS A 348 9.56 4.47 13.27
CA CYS A 348 10.67 5.28 13.78
C CYS A 348 11.24 4.70 15.07
N ARG A 349 10.43 3.92 15.82
CA ARG A 349 10.97 3.24 16.98
C ARG A 349 11.83 2.06 16.57
N GLU A 350 11.42 1.31 15.55
CA GLU A 350 12.11 0.10 15.15
C GLU A 350 13.25 0.34 14.15
N ILE A 351 13.37 1.54 13.59
CA ILE A 351 14.44 1.78 12.63
C ILE A 351 15.80 1.74 13.30
N TRP A 352 15.90 2.18 14.55
CA TRP A 352 17.17 2.09 15.27
C TRP A 352 17.61 0.65 15.45
N TYR A 353 16.68 -0.23 15.83
CA TYR A 353 16.99 -1.64 15.98
C TYR A 353 17.34 -2.27 14.63
N THR A 354 16.63 -1.87 13.57
CA THR A 354 16.94 -2.38 12.24
C THR A 354 18.36 -1.99 11.83
N LEU A 355 18.74 -0.74 12.05
CA LEU A 355 20.10 -0.30 11.72
C LEU A 355 21.13 -1.02 12.58
N GLY A 356 20.84 -1.23 13.86
CA GLY A 356 21.77 -1.92 14.73
C GLY A 356 21.90 -3.41 14.49
N SER A 357 20.91 -4.01 13.83
CA SER A 357 20.95 -5.44 13.52
C SER A 357 21.27 -5.73 12.06
N ALA A 358 21.32 -4.72 11.20
CA ALA A 358 21.59 -4.97 9.78
C ALA A 358 22.99 -5.53 9.55
N TRP A 359 23.98 -5.10 10.35
CA TRP A 359 25.36 -5.54 10.14
C TRP A 359 25.58 -7.00 10.48
N LYS A 360 24.65 -7.65 11.20
CA LYS A 360 24.81 -9.05 11.54
C LYS A 360 24.63 -9.98 10.35
N HIS A 361 24.12 -9.48 9.22
CA HIS A 361 23.92 -10.29 8.04
C HIS A 361 25.12 -10.29 7.10
N GLY A 362 26.21 -9.62 7.46
CA GLY A 362 27.38 -9.57 6.61
C GLY A 362 27.17 -8.70 5.39
N PHE A 363 27.30 -9.28 4.19
CA PHE A 363 27.03 -8.54 2.98
C PHE A 363 25.58 -8.11 2.90
N SER A 364 24.67 -8.98 3.31
CA SER A 364 23.26 -8.63 3.37
C SER A 364 23.01 -7.59 4.47
N GLY A 365 21.91 -6.87 4.33
CA GLY A 365 21.57 -5.77 5.22
C GLY A 365 22.05 -4.43 4.75
N ILE A 366 23.03 -4.39 3.83
CA ILE A 366 23.46 -3.12 3.25
C ILE A 366 22.30 -2.48 2.49
N TYR A 367 21.55 -3.28 1.74
CA TYR A 367 20.38 -2.76 1.02
C TYR A 367 19.32 -2.24 2.00
N LEU A 368 19.12 -2.95 3.11
CA LEU A 368 18.14 -2.50 4.10
C LEU A 368 18.55 -1.17 4.72
N ALA A 369 19.83 -1.03 5.07
CA ALA A 369 20.33 0.23 5.61
C ALA A 369 20.21 1.35 4.57
N PHE A 370 20.50 1.03 3.30
CA PHE A 370 20.36 2.03 2.24
C PHE A 370 18.90 2.45 2.08
N GLU A 371 17.97 1.51 2.20
CA GLU A 371 16.55 1.85 2.11
C GLU A 371 16.11 2.73 3.27
N CYS A 372 16.58 2.43 4.48
CA CYS A 372 16.25 3.27 5.62
C CYS A 372 16.80 4.69 5.45
N MET A 373 18.06 4.79 5.00
CA MET A 373 18.64 6.10 4.74
C MET A 373 17.91 6.83 3.63
N TYR A 374 17.46 6.08 2.61
CA TYR A 374 16.68 6.67 1.53
C TYR A 374 15.38 7.25 2.06
N GLN A 375 14.69 6.52 2.93
CA GLN A 375 13.45 7.03 3.50
C GLN A 375 13.69 8.28 4.33
N ILE A 376 14.72 8.27 5.17
CA ILE A 376 15.02 9.43 6.02
C ILE A 376 15.36 10.65 5.16
N MET A 377 16.24 10.46 4.19
CA MET A 377 16.64 11.57 3.32
C MET A 377 15.50 12.06 2.46
N TYR A 378 14.63 11.15 2.00
CA TYR A 378 13.46 11.57 1.23
C TYR A 378 12.52 12.42 2.07
N PHE A 379 12.28 12.02 3.32
CA PHE A 379 11.41 12.83 4.18
C PHE A 379 12.03 14.20 4.43
N PHE A 380 13.32 14.24 4.75
CA PHE A 380 13.98 15.53 5.01
C PHE A 380 14.00 16.40 3.76
N LEU A 381 14.26 15.81 2.60
CA LEU A 381 14.30 16.58 1.35
C LEU A 381 12.91 17.11 0.99
N VAL A 382 11.87 16.31 1.21
CA VAL A 382 10.51 16.78 0.96
C VAL A 382 10.18 17.96 1.87
N MET A 383 10.52 17.85 3.15
CA MET A 383 10.27 18.95 4.08
C MET A 383 11.02 20.20 3.67
N TYR A 384 12.31 20.05 3.31
CA TYR A 384 13.12 21.20 2.92
C TYR A 384 12.60 21.83 1.64
N LEU A 385 12.20 21.02 0.66
CA LEU A 385 11.66 21.55 -0.58
C LEU A 385 10.35 22.30 -0.35
N PHE A 386 9.48 21.75 0.51
CA PHE A 386 8.23 22.44 0.82
C PHE A 386 8.51 23.77 1.50
N SER A 387 9.45 23.79 2.44
CA SER A 387 9.80 25.04 3.11
C SER A 387 10.38 26.05 2.12
N TYR A 388 11.24 25.60 1.21
CA TYR A 388 11.85 26.49 0.23
C TYR A 388 10.78 27.08 -0.70
N ILE A 389 9.85 26.26 -1.16
CA ILE A 389 8.78 26.75 -2.03
C ILE A 389 7.89 27.73 -1.26
N ALA A 390 7.59 27.43 0.00
CA ALA A 390 6.75 28.33 0.79
C ALA A 390 7.41 29.69 0.98
N ILE A 391 8.72 29.69 1.29
CA ILE A 391 9.40 30.96 1.53
C ILE A 391 9.55 31.75 0.23
N LYS A 392 10.03 31.08 -0.84
CA LYS A 392 10.29 31.80 -2.08
C LYS A 392 9.00 32.13 -2.83
N ALA A 393 8.06 31.19 -2.88
CA ALA A 393 6.79 31.37 -3.56
C ALA A 393 6.99 31.80 -5.03
N ASP A 394 7.95 31.16 -5.69
CA ASP A 394 8.23 31.44 -7.09
C ASP A 394 7.33 30.57 -7.98
N ILE A 395 6.63 31.21 -8.91
CA ILE A 395 5.69 30.50 -9.77
C ILE A 395 6.42 29.51 -10.67
N ARG A 396 7.61 29.90 -11.16
CA ARG A 396 8.36 29.03 -12.06
C ARG A 396 8.75 27.73 -11.37
N ALA A 397 9.23 27.82 -10.12
CA ALA A 397 9.61 26.62 -9.39
C ALA A 397 8.40 25.76 -9.06
N GLN A 398 7.28 26.39 -8.70
CA GLN A 398 6.08 25.63 -8.32
C GLN A 398 5.56 24.81 -9.50
N THR A 399 5.48 25.43 -10.69
CA THR A 399 4.97 24.72 -11.85
C THR A 399 5.90 23.57 -12.24
N ALA A 400 7.21 23.80 -12.21
CA ALA A 400 8.16 22.73 -12.55
C ALA A 400 8.07 21.59 -11.56
N THR A 401 7.98 21.89 -10.27
CA THR A 401 7.87 20.84 -9.26
C THR A 401 6.58 20.05 -9.43
N VAL A 402 5.46 20.75 -9.69
CA VAL A 402 4.19 20.06 -9.89
C VAL A 402 4.25 19.15 -11.10
N LEU A 403 4.83 19.65 -12.20
CA LEU A 403 4.94 18.85 -13.41
C LEU A 403 5.82 17.62 -13.19
N VAL A 404 6.93 17.78 -12.48
CA VAL A 404 7.83 16.66 -12.22
C VAL A 404 7.14 15.61 -11.37
N SER A 405 6.45 16.05 -10.31
CA SER A 405 5.73 15.11 -9.45
C SER A 405 4.62 14.40 -10.22
N THR A 406 3.90 15.13 -11.07
CA THR A 406 2.84 14.51 -11.86
C THR A 406 3.41 13.49 -12.84
N LEU A 407 4.54 13.80 -13.47
CA LEU A 407 5.16 12.85 -14.39
C LEU A 407 5.63 11.60 -13.66
N VAL A 408 6.24 11.77 -12.49
CA VAL A 408 6.70 10.61 -11.71
C VAL A 408 5.52 9.74 -11.31
N THR A 409 4.44 10.37 -10.83
CA THR A 409 3.27 9.60 -10.41
C THR A 409 2.61 8.91 -11.60
N ILE A 410 2.61 9.56 -12.76
CA ILE A 410 2.06 8.94 -13.96
C ILE A 410 2.88 7.73 -14.37
N ILE A 411 4.21 7.83 -14.29
CA ILE A 411 5.07 6.69 -14.60
C ILE A 411 4.81 5.54 -13.63
N LYS A 412 4.68 5.86 -12.34
CA LYS A 412 4.38 4.82 -11.35
C LYS A 412 3.04 4.15 -11.63
N SER A 413 2.02 4.96 -11.98
CA SER A 413 0.71 4.41 -12.28
C SER A 413 0.74 3.53 -13.52
N SER A 414 1.51 3.94 -14.53
CA SER A 414 1.64 3.13 -15.74
C SER A 414 2.32 1.81 -15.43
N TYR A 415 3.36 1.83 -14.59
CA TYR A 415 4.01 0.58 -14.20
C TYR A 415 3.05 -0.32 -13.43
N LEU A 416 2.25 0.27 -12.52
CA LEU A 416 1.28 -0.53 -11.77
C LEU A 416 0.24 -1.13 -12.69
N ALA A 417 -0.24 -0.37 -13.68
CA ALA A 417 -1.21 -0.90 -14.63
C ALA A 417 -0.62 -2.01 -15.47
N LEU A 418 0.64 -1.86 -15.90
CA LEU A 418 1.30 -2.91 -16.67
C LEU A 418 1.46 -4.18 -15.83
N ARG A 419 1.85 -4.03 -14.56
CA ARG A 419 2.05 -5.20 -13.71
C ARG A 419 0.72 -5.87 -13.36
N ALA A 420 -0.29 -5.08 -13.03
CA ALA A 420 -1.58 -5.63 -12.60
C ALA A 420 -2.51 -5.96 -13.76
N LYS A 421 -2.16 -5.54 -14.99
CA LYS A 421 -3.00 -5.77 -16.17
C LYS A 421 -4.40 -5.20 -15.97
N ASN A 422 -4.48 -4.05 -15.30
CA ASN A 422 -5.75 -3.39 -15.01
C ASN A 422 -5.61 -1.90 -15.27
N LEU A 423 -6.66 -1.31 -15.85
CA LEU A 423 -6.66 0.12 -16.14
C LEU A 423 -7.02 0.97 -14.93
N LYS A 424 -7.44 0.37 -13.82
CA LYS A 424 -7.79 1.12 -12.63
C LYS A 424 -6.59 1.65 -11.87
N ALA A 425 -5.38 1.22 -12.22
CA ALA A 425 -4.17 1.70 -11.53
C ALA A 425 -3.86 3.15 -11.87
N PHE A 426 -4.46 3.72 -12.90
CA PHE A 426 -4.21 5.11 -13.27
C PHE A 426 -4.82 6.09 -12.29
N TYR A 427 -5.65 5.63 -11.35
CA TYR A 427 -6.20 6.51 -10.33
C TYR A 427 -5.19 6.84 -9.25
N PHE A 428 -3.98 6.27 -9.31
CA PHE A 428 -2.93 6.55 -8.34
C PHE A 428 -2.43 7.99 -8.41
N VAL A 429 -2.80 8.73 -9.46
CA VAL A 429 -2.39 10.13 -9.58
C VAL A 429 -2.95 10.98 -8.45
N LEU A 430 -4.06 10.56 -7.84
CA LEU A 430 -4.64 11.29 -6.73
C LEU A 430 -4.02 10.91 -5.38
N TYR A 431 -3.07 9.99 -5.37
CA TYR A 431 -2.42 9.60 -4.11
C TYR A 431 -1.61 10.75 -3.52
N THR A 432 -1.10 11.65 -4.36
CA THR A 432 -0.25 12.73 -3.87
C THR A 432 -1.00 13.64 -2.91
N TYR A 433 -2.25 13.98 -3.24
CA TYR A 433 -3.04 14.86 -2.39
C TYR A 433 -3.26 14.25 -1.01
N VAL A 434 -3.73 13.00 -0.97
CA VAL A 434 -4.03 12.36 0.31
C VAL A 434 -2.75 12.13 1.11
N TYR A 435 -1.66 11.77 0.43
CA TYR A 435 -0.38 11.60 1.12
C TYR A 435 0.05 12.91 1.78
N PHE A 436 0.08 13.99 1.00
CA PHE A 436 0.52 15.28 1.52
C PHE A 436 -0.36 15.76 2.66
N PHE A 437 -1.68 15.55 2.55
CA PHE A 437 -2.60 16.08 3.54
C PHE A 437 -2.80 15.16 4.74
N CYS A 438 -2.33 13.91 4.69
CA CYS A 438 -2.54 12.99 5.81
C CYS A 438 -1.25 12.52 6.44
N MET A 439 -0.31 11.97 5.66
CA MET A 439 0.83 11.29 6.26
C MET A 439 1.85 12.25 6.85
N ILE A 440 2.15 13.35 6.16
CA ILE A 440 3.15 14.30 6.68
C ILE A 440 2.79 14.81 8.07
N PRO A 441 1.56 15.27 8.34
CA PRO A 441 1.20 15.55 9.73
C PRO A 441 1.28 14.33 10.64
N ALA A 442 1.01 13.14 10.11
CA ALA A 442 1.12 11.93 10.92
C ALA A 442 2.55 11.68 11.35
N ARG A 443 3.51 11.81 10.42
CA ARG A 443 4.92 11.67 10.79
C ARG A 443 5.36 12.79 11.73
N ILE A 444 4.86 14.01 11.53
CA ILE A 444 5.21 15.10 12.43
C ILE A 444 4.74 14.79 13.85
N THR A 445 3.49 14.31 13.98
CA THR A 445 2.97 13.94 15.29
C THR A 445 3.76 12.79 15.89
N ALA A 446 4.13 11.80 15.06
CA ALA A 446 4.90 10.67 15.56
C ALA A 446 6.25 11.12 16.11
N MET A 447 6.91 12.05 15.40
CA MET A 447 8.19 12.57 15.88
C MET A 447 8.01 13.39 17.14
N PHE A 448 6.93 14.18 17.22
CA PHE A 448 6.73 15.05 18.39
C PHE A 448 6.34 14.26 19.64
N THR A 449 5.65 13.13 19.48
CA THR A 449 5.18 12.37 20.62
C THR A 449 6.23 11.40 21.17
N MET A 450 7.42 11.36 20.58
CA MET A 450 8.47 10.51 21.12
C MET A 450 8.88 10.94 22.53
N PHE A 451 9.01 12.25 22.74
CA PHE A 451 9.38 12.77 24.04
C PHE A 451 8.33 13.75 24.57
N VAL A 470 -10.60 16.98 25.27
CA VAL A 470 -9.95 18.20 24.79
C VAL A 470 -8.45 17.97 24.64
N TRP A 471 -7.81 17.55 25.74
CA TRP A 471 -6.37 17.29 25.70
C TRP A 471 -6.05 16.12 24.77
N LEU A 472 -6.87 15.07 24.80
CA LEU A 472 -6.64 13.93 23.92
C LEU A 472 -6.82 14.33 22.45
N TRP A 473 -7.82 15.17 22.16
CA TRP A 473 -8.03 15.61 20.79
C TRP A 473 -6.86 16.43 20.27
N ALA A 474 -6.29 17.28 21.14
CA ALA A 474 -5.14 18.09 20.73
C ALA A 474 -3.94 17.22 20.39
N LYS A 475 -3.74 16.13 21.14
CA LYS A 475 -2.62 15.24 20.88
C LYS A 475 -2.76 14.46 19.58
N GLN A 476 -3.92 14.49 18.94
CA GLN A 476 -4.18 13.68 17.75
C GLN A 476 -4.28 14.50 16.47
N PHE A 477 -5.10 15.54 16.45
CA PHE A 477 -5.40 16.25 15.20
C PHE A 477 -5.02 17.72 15.22
N LEU A 478 -4.57 18.26 16.35
CA LEU A 478 -4.17 19.67 16.39
C LEU A 478 -2.98 19.94 15.47
N ILE A 479 -2.02 19.00 15.44
CA ILE A 479 -0.88 19.15 14.55
C ILE A 479 -1.32 19.14 13.09
N THR A 480 -2.25 18.25 12.74
CA THR A 480 -2.76 18.20 11.38
C THR A 480 -3.49 19.50 11.02
N TYR A 481 -4.29 20.03 11.95
CA TYR A 481 -4.98 21.29 11.69
C TYR A 481 -3.99 22.43 11.49
N MET A 482 -2.94 22.48 12.32
CA MET A 482 -1.92 23.51 12.15
C MET A 482 -1.21 23.37 10.82
N TRP A 483 -0.91 22.14 10.40
CA TRP A 483 -0.27 21.93 9.11
C TRP A 483 -1.17 22.39 7.97
N TRP A 484 -2.46 22.07 8.04
CA TRP A 484 -3.40 22.51 7.01
C TRP A 484 -3.50 24.02 6.97
N ALA A 485 -3.56 24.67 8.13
CA ALA A 485 -3.61 26.12 8.17
C ALA A 485 -2.34 26.74 7.59
N GLY A 486 -1.19 26.17 7.90
CA GLY A 486 0.06 26.68 7.34
C GLY A 486 0.12 26.51 5.83
N VAL A 487 -0.35 25.37 5.32
CA VAL A 487 -0.37 25.15 3.88
C VAL A 487 -1.30 26.15 3.21
N LEU A 488 -2.48 26.38 3.79
CA LEU A 488 -3.41 27.36 3.23
C LEU A 488 -2.81 28.76 3.25
N ALA A 489 -2.14 29.13 4.34
CA ALA A 489 -1.51 30.45 4.43
C ALA A 489 -0.41 30.60 3.39
N ALA A 490 0.40 29.56 3.20
CA ALA A 490 1.45 29.60 2.18
C ALA A 490 0.86 29.76 0.79
N GLY A 491 -0.22 29.02 0.50
CA GLY A 491 -0.87 29.16 -0.79
C GLY A 491 -1.44 30.55 -1.01
N VAL A 492 -2.08 31.11 0.02
CA VAL A 492 -2.62 32.46 -0.09
C VAL A 492 -1.50 33.48 -0.33
N TYR A 493 -0.39 33.34 0.39
CA TYR A 493 0.74 34.24 0.22
C TYR A 493 1.31 34.12 -1.20
N SER A 494 1.41 32.89 -1.71
CA SER A 494 1.93 32.70 -3.06
C SER A 494 1.01 33.33 -4.11
N ILE A 495 -0.31 33.16 -3.94
CA ILE A 495 -1.24 33.74 -4.90
C ILE A 495 -1.22 35.27 -4.84
N VAL A 496 -1.20 35.83 -3.62
CA VAL A 496 -1.24 37.28 -3.47
C VAL A 496 0.01 37.94 -4.05
N ASP A 497 1.18 37.36 -3.78
CA ASP A 497 2.42 37.96 -4.24
C ASP A 497 2.51 37.99 -5.77
N ASN A 498 2.02 36.94 -6.42
CA ASN A 498 2.07 36.83 -7.88
C ASN A 498 0.77 37.22 -8.53
N TRP A 499 0.08 38.23 -7.97
CA TRP A 499 -1.21 38.69 -8.50
C TRP A 499 -0.94 39.66 -9.66
N TYR A 500 -0.59 39.09 -10.80
CA TYR A 500 -0.35 39.89 -12.00
C TYR A 500 -0.57 39.01 -13.22
N PHE A 501 -0.74 39.66 -14.37
CA PHE A 501 -0.97 38.98 -15.64
C PHE A 501 -0.14 39.65 -16.71
N ASP A 502 0.77 38.88 -17.33
CA ASP A 502 1.64 39.38 -18.38
C ASP A 502 1.67 38.34 -19.51
N TRP A 503 0.92 38.61 -20.57
CA TRP A 503 0.85 37.65 -21.68
C TRP A 503 2.03 37.80 -22.64
N ALA A 504 2.91 38.77 -22.41
CA ALA A 504 4.09 38.94 -23.25
C ALA A 504 5.30 38.17 -22.74
N ASP A 505 5.18 37.48 -21.60
CA ASP A 505 6.30 36.78 -20.99
C ASP A 505 6.28 35.30 -21.37
N ILE A 506 7.45 34.80 -21.80
CA ILE A 506 7.55 33.39 -22.15
C ILE A 506 7.35 32.51 -20.91
N GLN A 507 8.01 32.86 -19.81
CA GLN A 507 7.96 32.01 -18.62
C GLN A 507 6.59 32.05 -17.96
N TYR A 508 5.97 33.23 -17.90
CA TYR A 508 4.67 33.35 -17.25
C TYR A 508 3.61 32.54 -17.97
N ARG A 509 3.58 32.61 -19.30
CA ARG A 509 2.62 31.81 -20.05
C ARG A 509 2.89 30.32 -19.90
N PHE A 510 4.17 29.93 -19.85
CA PHE A 510 4.50 28.53 -19.64
C PHE A 510 3.97 28.04 -18.29
N ALA A 511 4.18 28.83 -17.24
CA ALA A 511 3.68 28.44 -15.92
C ALA A 511 2.15 28.39 -15.88
N LEU A 512 1.49 29.37 -16.50
CA LEU A 512 0.04 29.39 -16.53
C LEU A 512 -0.51 28.18 -17.29
N VAL A 513 0.10 27.85 -18.44
CA VAL A 513 -0.35 26.71 -19.22
C VAL A 513 -0.13 25.42 -18.43
N GLY A 514 1.01 25.30 -17.76
CA GLY A 514 1.26 24.11 -16.96
C GLY A 514 0.26 23.93 -15.84
N ILE A 515 -0.03 25.01 -15.11
CA ILE A 515 -0.97 24.91 -13.99
C ILE A 515 -2.38 24.64 -14.51
N CYS A 516 -2.75 25.23 -15.66
CA CYS A 516 -4.07 24.97 -16.23
C CYS A 516 -4.19 23.53 -16.68
N SER A 517 -3.14 22.98 -17.30
CA SER A 517 -3.16 21.58 -17.71
C SER A 517 -3.24 20.65 -16.51
N TYR A 518 -2.51 20.98 -15.44
CA TYR A 518 -2.59 20.17 -14.23
C TYR A 518 -3.99 20.18 -13.63
N LEU A 519 -4.61 21.37 -13.56
CA LEU A 519 -5.96 21.47 -13.03
C LEU A 519 -6.96 20.71 -13.90
N VAL A 520 -6.81 20.82 -15.23
CA VAL A 520 -7.69 20.11 -16.14
C VAL A 520 -7.55 18.60 -15.98
N PHE A 521 -6.31 18.12 -15.86
CA PHE A 521 -6.09 16.69 -15.66
C PHE A 521 -6.69 16.21 -14.34
N VAL A 522 -6.53 16.99 -13.28
CA VAL A 522 -7.12 16.62 -12.00
C VAL A 522 -8.65 16.57 -12.10
N SER A 523 -9.24 17.57 -12.75
CA SER A 523 -10.70 17.59 -12.90
C SER A 523 -11.17 16.38 -13.72
N ILE A 524 -10.44 16.05 -14.78
CA ILE A 524 -10.80 14.89 -15.60
C ILE A 524 -10.72 13.61 -14.78
N VAL A 525 -9.68 13.47 -13.96
CA VAL A 525 -9.54 12.26 -13.14
C VAL A 525 -10.70 12.16 -12.14
N LEU A 526 -11.05 13.27 -11.49
CA LEU A 526 -12.17 13.24 -10.56
C LEU A 526 -13.49 12.93 -11.26
N VAL A 527 -13.69 13.49 -12.46
CA VAL A 527 -14.91 13.20 -13.21
C VAL A 527 -14.98 11.72 -13.58
N ILE A 528 -13.84 11.15 -14.01
CA ILE A 528 -13.81 9.74 -14.35
C ILE A 528 -14.11 8.89 -13.12
N TYR A 529 -13.54 9.23 -11.98
CA TYR A 529 -13.81 8.48 -10.76
C TYR A 529 -15.28 8.57 -10.36
N LEU A 530 -15.87 9.77 -10.48
CA LEU A 530 -17.28 9.93 -10.15
C LEU A 530 -18.16 9.11 -11.09
N ILE A 531 -17.83 9.10 -12.39
CA ILE A 531 -18.59 8.28 -13.33
C ILE A 531 -18.48 6.81 -12.99
N GLY A 532 -17.26 6.36 -12.66
CA GLY A 532 -17.08 4.96 -12.30
C GLY A 532 -17.81 4.57 -11.02
N LYS A 533 -17.87 5.48 -10.05
CA LYS A 533 -18.58 5.19 -8.81
C LYS A 533 -20.06 4.94 -9.05
N ILE A 534 -20.69 5.77 -9.89
CA ILE A 534 -22.10 5.58 -10.20
C ILE A 534 -22.31 4.26 -10.94
N THR A 535 -21.45 3.98 -11.92
CA THR A 535 -21.54 2.72 -12.66
C THR A 535 -21.11 1.54 -11.82
N THR A 536 -20.42 1.78 -10.70
CA THR A 536 -19.90 0.73 -9.81
C THR A 536 -18.96 -0.22 -10.55
N TRP A 537 -18.25 0.31 -11.56
CA TRP A 537 -17.27 -0.50 -12.28
C TRP A 537 -15.99 -0.69 -11.46
N ASN A 538 -15.64 0.27 -10.61
CA ASN A 538 -14.43 0.18 -9.81
C ASN A 538 -14.54 -0.83 -8.67
N TYR A 539 -15.75 -1.32 -8.38
CA TYR A 539 -15.92 -2.30 -7.31
C TYR A 539 -15.19 -3.59 -7.66
N THR A 540 -14.45 -4.12 -6.69
CA THR A 540 -13.75 -5.37 -6.89
C THR A 540 -14.75 -6.52 -6.99
N PRO A 541 -14.42 -7.58 -7.75
CA PRO A 541 -15.34 -8.73 -7.83
C PRO A 541 -15.65 -9.37 -6.49
N LEU A 542 -14.69 -9.38 -5.57
CA LEU A 542 -14.93 -9.95 -4.25
C LEU A 542 -15.89 -9.09 -3.43
N GLN A 543 -15.85 -7.77 -3.62
CA GLN A 543 -16.74 -6.89 -2.87
C GLN A 543 -18.20 -7.12 -3.25
N LYS A 544 -18.47 -7.35 -4.54
CA LYS A 544 -19.84 -7.58 -4.97
C LYS A 544 -20.44 -8.82 -4.34
N GLU A 545 -19.67 -9.90 -4.26
CA GLU A 545 -20.15 -11.12 -3.62
C GLU A 545 -20.47 -10.90 -2.16
N LEU A 546 -19.61 -10.15 -1.46
CA LEU A 546 -19.86 -9.84 -0.06
C LEU A 546 -21.13 -9.00 0.11
N ILE A 547 -21.35 -8.04 -0.79
CA ILE A 547 -22.54 -7.21 -0.73
C ILE A 547 -23.79 -8.06 -0.95
N GLU A 548 -23.74 -8.96 -1.95
CA GLU A 548 -24.88 -9.83 -2.21
C GLU A 548 -25.16 -10.75 -1.03
N GLU A 549 -24.10 -11.30 -0.42
CA GLU A 549 -24.28 -12.18 0.73
C GLU A 549 -24.88 -11.43 1.92
N ARG A 550 -24.41 -10.19 2.15
CA ARG A 550 -24.96 -9.39 3.23
C ARG A 550 -26.42 -9.04 2.97
N TYR A 551 -26.77 -8.74 1.72
CA TYR A 551 -28.16 -8.48 1.39
C TYR A 551 -29.02 -9.71 1.62
N LEU A 552 -28.53 -10.89 1.22
CA LEU A 552 -29.24 -12.14 1.41
C LEU A 552 -28.86 -12.77 2.75
N HIS A 553 -29.06 -12.00 3.81
CA HIS A 553 -28.74 -12.44 5.16
C HIS A 553 -29.74 -11.91 6.18
N GLN B 1 -1.02 52.21 -8.44
CA GLN B 1 -0.38 53.44 -8.93
C GLN B 1 1.06 53.53 -8.45
N VAL B 2 1.97 53.73 -9.39
CA VAL B 2 3.40 53.85 -9.10
C VAL B 2 3.92 55.15 -9.70
N GLN B 3 4.80 55.82 -8.95
CA GLN B 3 5.42 57.06 -9.39
C GLN B 3 6.82 56.77 -9.89
N LEU B 4 7.12 57.18 -11.12
CA LEU B 4 8.39 56.93 -11.76
C LEU B 4 9.22 58.21 -11.81
N VAL B 5 10.44 58.13 -11.30
CA VAL B 5 11.38 59.25 -11.34
C VAL B 5 12.70 58.74 -11.90
N GLU B 6 13.34 59.55 -12.73
CA GLU B 6 14.57 59.17 -13.42
C GLU B 6 15.71 60.11 -13.02
N SER B 7 16.92 59.55 -13.02
CA SER B 7 18.12 60.32 -12.69
C SER B 7 19.22 59.96 -13.67
N GLY B 8 20.16 60.88 -13.84
CA GLY B 8 21.28 60.68 -14.73
C GLY B 8 21.04 61.21 -16.13
N GLY B 9 22.09 61.10 -16.95
CA GLY B 9 22.02 61.58 -18.31
C GLY B 9 22.74 62.90 -18.51
N GLY B 10 23.78 62.90 -19.34
CA GLY B 10 24.55 64.11 -19.57
C GLY B 10 25.41 63.97 -20.81
N LEU B 11 26.16 65.04 -21.08
CA LEU B 11 27.03 65.05 -22.25
C LEU B 11 28.16 64.05 -22.09
N VAL B 12 28.43 63.30 -23.16
CA VAL B 12 29.50 62.30 -23.18
C VAL B 12 29.93 62.12 -24.62
N GLN B 13 31.21 61.80 -24.80
CA GLN B 13 31.77 61.60 -26.13
C GLN B 13 31.25 60.30 -26.74
N ALA B 14 31.38 60.19 -28.06
CA ALA B 14 30.94 58.99 -28.77
C ALA B 14 31.78 57.79 -28.35
N GLY B 15 31.13 56.64 -28.22
CA GLY B 15 31.79 55.42 -27.80
C GLY B 15 31.90 55.24 -26.31
N GLY B 16 31.44 56.20 -25.51
CA GLY B 16 31.50 56.08 -24.07
C GLY B 16 30.36 55.26 -23.50
N SER B 17 30.37 55.12 -22.19
CA SER B 17 29.37 54.34 -21.46
C SER B 17 28.53 55.29 -20.61
N LEU B 18 27.21 55.19 -20.75
CA LEU B 18 26.28 56.01 -19.99
C LEU B 18 25.21 55.13 -19.36
N LYS B 19 24.77 55.50 -18.17
CA LYS B 19 23.77 54.74 -17.43
C LYS B 19 22.63 55.66 -17.02
N VAL B 20 21.40 55.17 -17.18
CA VAL B 20 20.20 55.88 -16.77
C VAL B 20 19.40 54.98 -15.84
N SER B 21 18.94 55.54 -14.72
CA SER B 21 18.20 54.79 -13.72
C SER B 21 16.84 55.42 -13.50
N CYS B 22 15.80 54.59 -13.53
CA CYS B 22 14.43 55.02 -13.25
C CYS B 22 13.97 54.37 -11.97
N ALA B 23 13.50 55.19 -11.02
CA ALA B 23 13.09 54.71 -9.71
C ALA B 23 11.56 54.71 -9.63
N ALA B 24 11.00 53.58 -9.20
CA ALA B 24 9.56 53.41 -9.09
C ALA B 24 9.20 53.16 -7.64
N SER B 25 8.21 53.90 -7.14
CA SER B 25 7.72 53.75 -5.77
C SER B 25 6.28 53.26 -5.82
N GLY B 26 6.02 52.16 -5.12
CA GLY B 26 4.69 51.59 -5.13
C GLY B 26 4.55 50.49 -4.09
N ARG B 27 3.39 49.85 -4.11
CA ARG B 27 3.11 48.77 -3.16
C ARG B 27 4.04 47.58 -3.38
N ALA B 28 4.30 47.22 -4.64
CA ALA B 28 5.17 46.10 -4.95
C ALA B 28 5.80 46.33 -6.32
N PHE B 29 7.09 46.63 -6.35
CA PHE B 29 7.79 46.84 -7.61
C PHE B 29 8.10 45.52 -8.31
N LYS B 30 8.25 44.44 -7.56
CA LYS B 30 8.65 43.15 -8.15
C LYS B 30 7.59 42.59 -9.09
N THR B 31 6.33 42.97 -8.93
CA THR B 31 5.25 42.46 -9.76
C THR B 31 4.94 43.34 -10.96
N TYR B 32 5.71 44.40 -11.17
CA TYR B 32 5.50 45.32 -12.28
C TYR B 32 6.54 45.09 -13.37
N ARG B 33 6.12 45.34 -14.61
CA ARG B 33 6.99 45.20 -15.77
C ARG B 33 7.44 46.58 -16.24
N MET B 34 8.75 46.75 -16.39
CA MET B 34 9.34 48.03 -16.76
C MET B 34 9.78 48.02 -18.22
N ALA B 35 9.75 49.19 -18.83
CA ALA B 35 10.16 49.34 -20.22
C ALA B 35 10.75 50.74 -20.41
N TRP B 36 11.55 50.88 -21.47
CA TRP B 36 12.22 52.13 -21.77
C TRP B 36 11.85 52.59 -23.19
N PHE B 37 11.58 53.87 -23.34
CA PHE B 37 11.21 54.47 -24.61
C PHE B 37 12.04 55.72 -24.85
N ARG B 38 12.40 55.96 -26.11
CA ARG B 38 13.12 57.16 -26.50
C ARG B 38 12.31 57.92 -27.55
N GLN B 39 12.33 59.24 -27.46
CA GLN B 39 11.59 60.11 -28.37
C GLN B 39 12.58 61.03 -29.08
N ALA B 40 12.80 60.78 -30.37
CA ALA B 40 13.69 61.63 -31.14
C ALA B 40 13.07 63.01 -31.35
N PRO B 41 13.89 64.04 -31.52
CA PRO B 41 13.34 65.39 -31.75
C PRO B 41 12.47 65.47 -32.99
N GLY B 42 12.78 64.72 -34.04
CA GLY B 42 12.01 64.79 -35.27
C GLY B 42 11.29 63.50 -35.62
N LYS B 43 11.36 62.51 -34.74
CA LYS B 43 10.72 61.22 -34.98
C LYS B 43 9.88 60.84 -33.76
N GLU B 44 8.89 59.98 -34.00
CA GLU B 44 8.02 59.52 -32.94
C GLU B 44 8.77 58.55 -32.02
N ARG B 45 8.22 58.37 -30.81
CA ARG B 45 8.85 57.49 -29.84
C ARG B 45 8.77 56.04 -30.28
N GLU B 46 9.77 55.26 -29.88
CA GLU B 46 9.86 53.85 -30.24
C GLU B 46 10.38 53.05 -29.06
N PHE B 47 10.10 51.75 -29.09
CA PHE B 47 10.55 50.85 -28.04
C PHE B 47 12.07 50.71 -28.05
N VAL B 48 12.64 50.56 -26.85
CA VAL B 48 14.08 50.40 -26.71
C VAL B 48 14.37 49.07 -26.02
N SER B 49 13.88 48.91 -24.79
CA SER B 49 14.12 47.70 -24.03
C SER B 49 13.03 47.58 -22.96
N GLY B 50 12.90 46.36 -22.42
CA GLY B 50 11.93 46.11 -21.38
C GLY B 50 12.27 44.85 -20.63
N ILE B 51 11.93 44.82 -19.35
CA ILE B 51 12.18 43.68 -18.49
C ILE B 51 10.88 43.31 -17.78
N SER B 52 10.58 42.02 -17.75
CA SER B 52 9.35 41.54 -17.14
C SER B 52 9.57 41.28 -15.65
N ALA B 53 8.51 40.82 -14.97
CA ALA B 53 8.62 40.53 -13.55
C ALA B 53 9.48 39.30 -13.28
N LEU B 54 9.55 38.37 -14.24
CA LEU B 54 10.34 37.15 -14.10
C LEU B 54 11.75 37.30 -14.65
N GLU B 55 12.29 38.52 -14.65
CA GLU B 55 13.66 38.79 -15.11
C GLU B 55 13.87 38.35 -16.55
N THR B 56 12.86 38.58 -17.39
CA THR B 56 12.97 38.32 -18.81
C THR B 56 13.29 39.61 -19.54
N THR B 57 14.36 39.59 -20.34
CA THR B 57 14.89 40.79 -20.98
C THR B 57 14.53 40.79 -22.47
N TYR B 58 13.99 41.90 -22.94
CA TYR B 58 13.63 42.09 -24.34
C TYR B 58 14.39 43.28 -24.90
N TYR B 59 14.93 43.11 -26.12
CA TYR B 59 15.70 44.14 -26.78
C TYR B 59 15.08 44.45 -28.13
N ALA B 60 15.17 45.72 -28.53
CA ALA B 60 14.68 46.17 -29.82
C ALA B 60 15.73 45.90 -30.90
N ASP B 61 15.47 46.36 -32.11
CA ASP B 61 16.41 46.17 -33.21
C ASP B 61 17.63 47.06 -33.03
N SER B 62 18.78 46.55 -33.46
CA SER B 62 20.07 47.26 -33.48
C SER B 62 20.57 47.60 -32.08
N VAL B 63 19.90 47.15 -31.04
CA VAL B 63 20.32 47.41 -29.67
C VAL B 63 20.38 46.10 -28.89
N LYS B 64 20.57 45.00 -29.61
CA LYS B 64 20.58 43.68 -28.98
C LYS B 64 21.73 43.54 -27.99
N GLY B 65 22.91 44.01 -28.36
CA GLY B 65 24.07 43.86 -27.50
C GLY B 65 24.63 45.16 -26.97
N ARG B 66 24.31 46.27 -27.64
CA ARG B 66 24.82 47.56 -27.21
C ARG B 66 24.22 48.00 -25.87
N PHE B 67 22.93 47.74 -25.67
CA PHE B 67 22.23 48.17 -24.47
C PHE B 67 22.01 46.98 -23.55
N THR B 68 22.27 47.17 -22.26
CA THR B 68 22.06 46.14 -21.24
C THR B 68 21.14 46.72 -20.17
N ILE B 69 20.10 45.96 -19.83
CA ILE B 69 19.12 46.40 -18.84
C ILE B 69 19.13 45.42 -17.67
N SER B 70 18.80 45.94 -16.49
CA SER B 70 18.75 45.13 -15.28
C SER B 70 17.88 45.84 -14.26
N ARG B 71 17.39 45.07 -13.29
CA ARG B 71 16.56 45.60 -12.21
C ARG B 71 17.04 45.04 -10.88
N ASP B 72 16.83 45.83 -9.82
CA ASP B 72 17.21 45.44 -8.47
C ASP B 72 16.02 45.67 -7.55
N ASN B 73 15.56 44.60 -6.89
CA ASN B 73 14.38 44.69 -6.04
C ASN B 73 14.69 45.22 -4.65
N THR B 74 15.96 45.27 -4.25
CA THR B 74 16.30 45.77 -2.92
C THR B 74 16.01 47.26 -2.80
N LYS B 75 16.48 48.04 -3.77
CA LYS B 75 16.22 49.48 -3.82
C LYS B 75 15.05 49.84 -4.71
N ASN B 76 14.39 48.85 -5.32
CA ASN B 76 13.20 49.07 -6.14
C ASN B 76 13.46 50.06 -7.27
N THR B 77 14.56 49.85 -7.98
CA THR B 77 14.95 50.71 -9.10
C THR B 77 15.34 49.86 -10.29
N VAL B 78 15.21 50.43 -11.49
CA VAL B 78 15.60 49.79 -12.73
C VAL B 78 16.57 50.72 -13.46
N SER B 79 17.64 50.14 -14.01
CA SER B 79 18.68 50.91 -14.67
C SER B 79 18.99 50.32 -16.04
N LEU B 80 19.36 51.18 -16.97
CA LEU B 80 19.72 50.79 -18.32
C LEU B 80 21.16 51.22 -18.59
N GLN B 81 21.96 50.29 -19.12
CA GLN B 81 23.36 50.53 -19.42
C GLN B 81 23.55 50.61 -20.93
N MET B 82 24.24 51.65 -21.38
CA MET B 82 24.50 51.88 -22.79
C MET B 82 25.99 51.73 -23.08
N ASP B 83 26.32 50.93 -24.09
CA ASP B 83 27.70 50.73 -24.51
C ASP B 83 27.79 50.88 -26.02
N SER B 84 28.94 51.36 -26.49
CA SER B 84 29.19 51.61 -27.91
C SER B 84 28.11 52.51 -28.51
N LEU B 85 27.75 53.56 -27.76
CA LEU B 85 26.69 54.45 -28.19
C LEU B 85 27.11 55.24 -29.43
N LYS B 86 26.15 55.47 -30.34
CA LYS B 86 26.39 56.25 -31.53
C LYS B 86 25.66 57.59 -31.45
N PRO B 87 26.14 58.63 -32.13
CA PRO B 87 25.46 59.94 -32.06
C PRO B 87 24.03 59.92 -32.58
N GLU B 88 23.66 58.94 -33.40
CA GLU B 88 22.29 58.85 -33.90
C GLU B 88 21.31 58.41 -32.84
N ASP B 89 21.78 57.97 -31.67
CA ASP B 89 20.92 57.44 -30.62
C ASP B 89 20.50 58.49 -29.61
N THR B 90 20.89 59.76 -29.79
CA THR B 90 20.52 60.80 -28.84
C THR B 90 19.03 61.11 -28.93
N ALA B 91 18.38 61.19 -27.77
CA ALA B 91 16.95 61.45 -27.65
C ALA B 91 16.62 61.54 -26.17
N VAL B 92 15.38 61.89 -25.87
CA VAL B 92 14.87 61.91 -24.51
C VAL B 92 14.30 60.53 -24.18
N TYR B 93 14.69 59.99 -23.03
CA TYR B 93 14.34 58.63 -22.65
C TYR B 93 13.32 58.64 -21.52
N TYR B 94 12.26 57.85 -21.70
CA TYR B 94 11.20 57.71 -20.70
C TYR B 94 11.14 56.27 -20.22
N CYS B 95 10.85 56.10 -18.94
CA CYS B 95 10.64 54.78 -18.34
C CYS B 95 9.16 54.58 -18.08
N ALA B 96 8.66 53.38 -18.35
CA ALA B 96 7.25 53.06 -18.22
C ALA B 96 7.07 51.80 -17.39
N ALA B 97 5.90 51.68 -16.78
CA ALA B 97 5.56 50.55 -15.93
C ALA B 97 4.21 49.98 -16.34
N ARG B 98 4.05 48.67 -16.16
CA ARG B 98 2.81 48.00 -16.51
C ARG B 98 2.68 46.74 -15.65
N ARG B 99 1.45 46.45 -15.23
CA ARG B 99 1.15 45.25 -14.44
C ARG B 99 0.27 44.26 -15.18
N TYR B 100 -0.79 44.73 -15.84
CA TYR B 100 -1.68 43.88 -16.62
C TYR B 100 -1.61 44.27 -18.08
N GLY B 101 -1.44 43.28 -18.95
CA GLY B 101 -1.34 43.55 -20.37
C GLY B 101 -1.45 42.27 -21.17
N GLY B 102 -1.62 42.43 -22.47
CA GLY B 102 -1.74 41.33 -23.41
C GLY B 102 -0.43 40.98 -24.07
N THR B 103 -0.54 40.37 -25.25
CA THR B 103 0.66 39.97 -26.00
C THR B 103 1.40 41.17 -26.59
N ASP B 104 0.75 42.33 -26.67
CA ASP B 104 1.40 43.52 -27.22
C ASP B 104 2.15 44.26 -26.13
N TYR B 105 3.44 44.53 -26.37
CA TYR B 105 4.26 45.23 -25.39
C TYR B 105 5.17 46.28 -26.01
N THR B 106 5.10 46.52 -27.32
CA THR B 106 5.92 47.52 -27.99
C THR B 106 5.14 48.78 -28.34
N THR B 107 3.94 48.94 -27.79
CA THR B 107 3.06 50.06 -28.11
C THR B 107 2.92 50.95 -26.88
N THR B 108 2.69 52.24 -27.13
CA THR B 108 2.58 53.20 -26.02
C THR B 108 1.33 52.94 -25.19
N GLY B 109 0.24 52.53 -25.83
CA GLY B 109 -1.02 52.31 -25.12
C GLY B 109 -0.96 51.20 -24.10
N SER B 110 -0.07 50.22 -24.28
CA SER B 110 0.02 49.13 -23.31
C SER B 110 0.52 49.62 -21.96
N TYR B 111 1.50 50.53 -21.95
CA TYR B 111 2.09 51.03 -20.72
C TYR B 111 1.32 52.24 -20.25
N ASP B 112 0.55 52.08 -19.16
CA ASP B 112 -0.25 53.18 -18.65
C ASP B 112 0.62 54.22 -17.93
N TYR B 113 1.58 53.77 -17.14
CA TYR B 113 2.42 54.66 -16.35
C TYR B 113 3.58 55.18 -17.18
N TRP B 114 3.94 56.45 -16.95
CA TRP B 114 5.04 57.08 -17.65
C TRP B 114 5.73 58.06 -16.73
N GLY B 115 6.98 58.37 -17.05
CA GLY B 115 7.79 59.28 -16.25
C GLY B 115 8.06 60.60 -16.96
N GLN B 116 8.74 61.48 -16.22
CA GLN B 116 9.08 62.79 -16.76
C GLN B 116 10.04 62.69 -17.95
N GLY B 117 11.05 61.84 -17.83
CA GLY B 117 11.99 61.64 -18.90
C GLY B 117 13.23 62.50 -18.77
N THR B 118 14.35 62.00 -19.27
CA THR B 118 15.62 62.72 -19.26
C THR B 118 16.17 62.78 -20.68
N GLN B 119 16.71 63.94 -21.04
CA GLN B 119 17.29 64.17 -22.35
C GLN B 119 18.80 64.01 -22.29
N VAL B 120 19.35 63.22 -23.22
CA VAL B 120 20.79 62.98 -23.29
C VAL B 120 21.30 63.51 -24.62
N THR B 121 22.45 64.16 -24.58
CA THR B 121 23.08 64.74 -25.76
C THR B 121 24.50 64.23 -25.89
N VAL B 122 24.86 63.77 -27.09
CA VAL B 122 26.19 63.25 -27.37
C VAL B 122 26.72 63.93 -28.62
N SER B 123 28.02 64.22 -28.62
CA SER B 123 28.68 64.88 -29.75
C SER B 123 29.84 64.02 -30.23
N SER B 124 30.01 63.94 -31.55
CA SER B 124 31.08 63.16 -32.15
C SER B 124 32.43 63.85 -31.96
N GLN C 1 -27.73 -30.22 7.49
CA GLN C 1 -26.89 -29.26 6.79
C GLN C 1 -26.64 -29.69 5.35
N VAL C 2 -26.01 -30.85 5.19
CA VAL C 2 -25.69 -31.41 3.88
C VAL C 2 -26.40 -32.75 3.74
N GLN C 3 -27.16 -32.89 2.66
CA GLN C 3 -27.90 -34.12 2.37
C GLN C 3 -27.21 -34.85 1.21
N LEU C 4 -26.96 -36.14 1.40
CA LEU C 4 -26.28 -36.95 0.40
C LEU C 4 -27.31 -37.83 -0.32
N VAL C 5 -27.40 -37.66 -1.64
CA VAL C 5 -28.32 -38.44 -2.47
C VAL C 5 -27.50 -39.11 -3.57
N GLU C 6 -27.63 -40.44 -3.67
CA GLU C 6 -26.89 -41.23 -4.64
C GLU C 6 -27.83 -42.23 -5.30
N SER C 7 -27.49 -42.60 -6.54
CA SER C 7 -28.31 -43.52 -7.32
C SER C 7 -27.42 -44.52 -8.04
N GLY C 8 -28.02 -45.62 -8.46
CA GLY C 8 -27.30 -46.67 -9.15
C GLY C 8 -27.47 -48.03 -8.50
N GLY C 9 -27.32 -49.09 -9.28
CA GLY C 9 -27.46 -50.43 -8.73
C GLY C 9 -27.86 -51.42 -9.81
N GLY C 10 -28.54 -52.47 -9.38
CA GLY C 10 -29.01 -53.53 -10.27
C GLY C 10 -28.23 -54.81 -10.05
N LEU C 11 -28.63 -55.83 -10.81
CA LEU C 11 -28.01 -57.15 -10.75
C LEU C 11 -27.03 -57.28 -11.89
N VAL C 12 -25.75 -57.52 -11.56
CA VAL C 12 -24.68 -57.63 -12.54
C VAL C 12 -23.93 -58.93 -12.28
N GLN C 13 -23.66 -59.68 -13.33
CA GLN C 13 -22.92 -60.92 -13.22
C GLN C 13 -21.47 -60.65 -12.81
N ALA C 14 -20.73 -61.73 -12.58
CA ALA C 14 -19.33 -61.59 -12.17
C ALA C 14 -18.49 -60.89 -13.24
N GLY C 15 -18.86 -61.05 -14.50
CA GLY C 15 -18.16 -60.37 -15.58
C GLY C 15 -18.89 -59.13 -16.07
N GLY C 16 -18.40 -57.97 -15.67
CA GLY C 16 -19.02 -56.72 -16.07
C GLY C 16 -18.53 -55.58 -15.21
N SER C 17 -19.25 -54.45 -15.32
CA SER C 17 -18.90 -53.26 -14.57
C SER C 17 -20.16 -52.44 -14.34
N LEU C 18 -20.10 -51.58 -13.33
CA LEU C 18 -21.21 -50.69 -12.99
C LEU C 18 -20.65 -49.41 -12.39
N ARG C 19 -21.48 -48.37 -12.41
CA ARG C 19 -21.05 -47.02 -12.07
C ARG C 19 -21.91 -46.44 -10.95
N LEU C 20 -21.27 -45.70 -10.06
CA LEU C 20 -21.92 -45.01 -8.96
C LEU C 20 -21.85 -43.50 -9.16
N ALA C 21 -22.73 -42.79 -8.46
CA ALA C 21 -22.77 -41.34 -8.52
C ALA C 21 -23.45 -40.82 -7.27
N CYS C 22 -22.69 -40.12 -6.42
CA CYS C 22 -23.22 -39.53 -5.19
C CYS C 22 -23.31 -38.02 -5.35
N ALA C 23 -24.47 -37.47 -5.02
CA ALA C 23 -24.72 -36.04 -5.11
C ALA C 23 -24.94 -35.46 -3.72
N ALA C 24 -24.32 -34.31 -3.44
CA ALA C 24 -24.42 -33.65 -2.15
C ALA C 24 -25.18 -32.34 -2.31
N SER C 25 -26.10 -32.08 -1.39
CA SER C 25 -26.91 -30.87 -1.39
C SER C 25 -26.43 -30.01 -0.21
N GLY C 26 -25.42 -29.18 -0.48
CA GLY C 26 -24.86 -28.34 0.56
C GLY C 26 -23.50 -27.81 0.13
N ARG C 27 -22.73 -27.37 1.11
CA ARG C 27 -21.39 -26.84 0.89
C ARG C 27 -20.37 -27.82 1.44
N ILE C 28 -19.37 -28.15 0.61
CA ILE C 28 -18.34 -29.10 1.04
C ILE C 28 -17.23 -28.41 1.81
N PHE C 29 -17.09 -27.09 1.67
CA PHE C 29 -16.11 -26.27 2.37
C PHE C 29 -14.68 -26.56 1.94
N SER C 30 -14.49 -27.29 0.84
CA SER C 30 -13.18 -27.57 0.24
C SER C 30 -12.23 -28.30 1.18
N SER C 31 -12.72 -28.78 2.32
CA SER C 31 -11.89 -29.51 3.28
C SER C 31 -12.51 -30.80 3.78
N ASP C 32 -13.83 -30.95 3.69
CA ASP C 32 -14.47 -32.18 4.13
C ASP C 32 -14.10 -33.33 3.20
N THR C 33 -13.96 -34.53 3.78
CA THR C 33 -13.65 -35.74 3.04
C THR C 33 -14.86 -36.67 3.04
N LEU C 34 -15.06 -37.36 1.92
CA LEU C 34 -16.19 -38.27 1.75
C LEU C 34 -15.67 -39.67 1.46
N ALA C 35 -16.32 -40.67 2.05
CA ALA C 35 -15.92 -42.06 1.90
C ALA C 35 -17.12 -42.90 1.50
N TRP C 36 -16.83 -44.02 0.83
CA TRP C 36 -17.83 -44.98 0.41
C TRP C 36 -17.72 -46.23 1.27
N PHE C 37 -18.85 -46.68 1.82
CA PHE C 37 -18.89 -47.85 2.68
C PHE C 37 -19.88 -48.86 2.13
N ARG C 38 -19.48 -50.13 2.12
CA ARG C 38 -20.33 -51.23 1.68
C ARG C 38 -20.60 -52.16 2.85
N ARG C 39 -21.83 -52.67 2.93
CA ARG C 39 -22.25 -53.55 4.02
C ARG C 39 -22.76 -54.85 3.43
N ALA C 40 -21.98 -55.92 3.60
CA ALA C 40 -22.43 -57.23 3.19
C ALA C 40 -23.53 -57.72 4.12
N PRO C 41 -24.44 -58.58 3.64
CA PRO C 41 -25.48 -59.11 4.52
C PRO C 41 -24.89 -59.88 5.70
N GLY C 42 -25.47 -59.66 6.87
CA GLY C 42 -24.95 -60.28 8.08
C GLY C 42 -23.55 -59.83 8.43
N LYS C 43 -23.19 -58.59 8.11
CA LYS C 43 -21.85 -58.08 8.35
C LYS C 43 -21.92 -56.58 8.61
N GLU C 44 -20.85 -56.05 9.20
CA GLU C 44 -20.74 -54.64 9.49
C GLU C 44 -20.13 -53.88 8.32
N ARG C 45 -20.37 -52.58 8.29
CA ARG C 45 -19.84 -51.74 7.23
C ARG C 45 -18.32 -51.70 7.29
N GLU C 46 -17.68 -51.72 6.12
CA GLU C 46 -16.23 -51.72 6.02
C GLU C 46 -15.77 -50.60 5.08
N PHE C 47 -14.57 -50.10 5.35
CA PHE C 47 -14.01 -49.03 4.53
C PHE C 47 -13.70 -49.53 3.13
N VAL C 48 -13.92 -48.67 2.14
CA VAL C 48 -13.63 -49.00 0.75
C VAL C 48 -12.65 -48.00 0.17
N ALA C 49 -13.05 -46.73 0.13
CA ALA C 49 -12.19 -45.68 -0.43
C ALA C 49 -12.64 -44.33 0.12
N ALA C 50 -11.73 -43.36 0.04
CA ALA C 50 -12.02 -42.00 0.47
C ALA C 50 -11.04 -41.06 -0.20
N SER C 51 -11.41 -39.78 -0.25
CA SER C 51 -10.55 -38.76 -0.82
C SER C 51 -11.05 -37.39 -0.38
N ARG C 52 -10.12 -36.49 -0.08
CA ARG C 52 -10.48 -35.13 0.30
C ARG C 52 -11.01 -34.37 -0.92
N TRP C 53 -11.87 -33.38 -0.64
CA TRP C 53 -12.45 -32.59 -1.72
C TRP C 53 -11.39 -31.82 -2.49
N SER C 54 -10.41 -31.26 -1.78
CA SER C 54 -9.35 -30.51 -2.45
C SER C 54 -8.51 -31.40 -3.34
N GLY C 55 -8.19 -32.60 -2.89
CA GLY C 55 -7.38 -33.50 -3.68
C GLY C 55 -7.03 -34.75 -2.88
N GLY C 56 -6.05 -35.49 -3.40
CA GLY C 56 -5.63 -36.71 -2.77
C GLY C 56 -6.54 -37.88 -3.08
N GLY C 57 -6.30 -38.98 -2.38
CA GLY C 57 -7.09 -40.19 -2.57
C GLY C 57 -6.60 -41.36 -1.75
N THR C 58 -7.53 -42.14 -1.22
CA THR C 58 -7.22 -43.33 -0.42
C THR C 58 -8.10 -44.48 -0.88
N ASP C 59 -7.53 -45.68 -0.91
CA ASP C 59 -8.24 -46.88 -1.34
C ASP C 59 -8.10 -47.95 -0.27
N TYR C 60 -8.80 -49.06 -0.50
CA TYR C 60 -8.80 -50.20 0.42
C TYR C 60 -9.21 -49.80 1.83
N LYS C 65 -4.81 -51.72 -3.29
CA LYS C 65 -5.81 -52.39 -4.11
C LYS C 65 -5.71 -51.96 -5.57
N GLY C 66 -6.30 -50.80 -5.88
CA GLY C 66 -6.27 -50.27 -7.23
C GLY C 66 -7.41 -50.72 -8.11
N ARG C 67 -8.24 -51.67 -7.66
CA ARG C 67 -9.37 -52.11 -8.47
C ARG C 67 -10.45 -51.05 -8.56
N PHE C 68 -10.64 -50.26 -7.50
CA PHE C 68 -11.65 -49.21 -7.46
C PHE C 68 -10.99 -47.86 -7.65
N THR C 69 -11.55 -47.03 -8.52
CA THR C 69 -11.05 -45.70 -8.79
C THR C 69 -12.03 -44.65 -8.30
N PHE C 70 -11.50 -43.53 -7.82
CA PHE C 70 -12.30 -42.45 -7.26
C PHE C 70 -12.04 -41.18 -8.06
N SER C 71 -13.12 -40.53 -8.52
CA SER C 71 -13.03 -39.30 -9.26
C SER C 71 -14.06 -38.31 -8.72
N ARG C 72 -13.69 -37.03 -8.71
CA ARG C 72 -14.55 -35.96 -8.23
C ARG C 72 -14.70 -34.91 -9.32
N ASP C 73 -15.95 -34.53 -9.62
CA ASP C 73 -16.18 -33.51 -10.63
C ASP C 73 -15.69 -32.14 -10.18
N ASN C 74 -15.90 -31.82 -8.90
CA ASN C 74 -15.53 -30.56 -8.25
C ASN C 74 -16.28 -29.35 -8.83
N THR C 75 -17.25 -29.57 -9.72
CA THR C 75 -18.04 -28.48 -10.29
C THR C 75 -19.52 -28.63 -10.04
N ARG C 76 -20.07 -29.84 -10.16
CA ARG C 76 -21.48 -30.11 -9.90
C ARG C 76 -21.71 -30.75 -8.53
N ASN C 77 -20.70 -30.75 -7.66
CA ASN C 77 -20.80 -31.34 -6.32
C ASN C 77 -21.17 -32.82 -6.39
N THR C 78 -20.62 -33.52 -7.37
CA THR C 78 -20.86 -34.94 -7.56
C THR C 78 -19.54 -35.67 -7.77
N MET C 79 -19.49 -36.91 -7.29
CA MET C 79 -18.32 -37.76 -7.45
C MET C 79 -18.77 -39.16 -7.80
N CYS C 80 -17.89 -39.90 -8.45
CA CYS C 80 -18.19 -41.23 -8.95
C CYS C 80 -17.15 -42.23 -8.48
N LEU C 81 -17.58 -43.49 -8.34
CA LEU C 81 -16.71 -44.59 -7.91
C LEU C 81 -16.88 -45.72 -8.92
N GLU C 82 -16.06 -45.69 -9.97
CA GLU C 82 -16.14 -46.72 -11.01
C GLU C 82 -15.44 -47.99 -10.54
N MET C 83 -16.07 -49.14 -10.84
CA MET C 83 -15.54 -50.43 -10.45
C MET C 83 -15.58 -51.38 -11.64
N ASN C 84 -14.58 -52.26 -11.70
CA ASN C 84 -14.45 -53.22 -12.78
C ASN C 84 -14.02 -54.57 -12.21
N SER C 85 -14.28 -55.63 -12.98
CA SER C 85 -13.91 -56.99 -12.62
C SER C 85 -14.55 -57.38 -11.28
N LEU C 86 -15.88 -57.41 -11.28
CA LEU C 86 -16.62 -57.69 -10.06
C LEU C 86 -16.45 -59.15 -9.64
N LYS C 87 -16.77 -59.41 -8.37
CA LYS C 87 -16.67 -60.72 -7.76
C LYS C 87 -17.98 -61.03 -7.05
N PRO C 88 -18.28 -62.32 -6.84
CA PRO C 88 -19.51 -62.66 -6.12
C PRO C 88 -19.58 -62.08 -4.71
N GLU C 89 -18.44 -61.99 -4.02
CA GLU C 89 -18.41 -61.39 -2.70
C GLU C 89 -18.31 -59.87 -2.74
N ASP C 90 -18.05 -59.28 -3.90
CA ASP C 90 -17.97 -57.83 -4.01
C ASP C 90 -19.33 -57.19 -3.79
N THR C 91 -20.39 -57.81 -4.28
CA THR C 91 -21.73 -57.25 -4.18
C THR C 91 -22.14 -57.10 -2.72
N ALA C 92 -22.66 -55.93 -2.37
CA ALA C 92 -23.11 -55.62 -1.02
C ALA C 92 -23.97 -54.35 -1.11
N VAL C 93 -24.35 -53.82 0.04
CA VAL C 93 -25.14 -52.60 0.12
C VAL C 93 -24.18 -51.44 0.34
N TYR C 94 -24.03 -50.59 -0.68
CA TYR C 94 -23.09 -49.47 -0.61
C TYR C 94 -23.74 -48.24 -0.02
N TYR C 95 -22.94 -47.45 0.69
CA TYR C 95 -23.41 -46.22 1.33
C TYR C 95 -22.46 -45.08 1.00
N CYS C 96 -23.01 -43.87 0.96
CA CYS C 96 -22.25 -42.66 0.71
C CYS C 96 -22.25 -41.81 1.97
N ALA C 97 -21.06 -41.42 2.43
CA ALA C 97 -20.90 -40.75 3.71
C ALA C 97 -20.03 -39.51 3.55
N LEU C 98 -20.17 -38.60 4.52
CA LEU C 98 -19.40 -37.37 4.57
C LEU C 98 -18.81 -37.20 5.96
N ARG C 99 -17.60 -36.65 6.01
CA ARG C 99 -16.90 -36.39 7.26
C ARG C 99 -16.61 -34.90 7.38
N THR C 100 -16.90 -34.34 8.54
CA THR C 100 -16.69 -32.92 8.80
C THR C 100 -15.37 -32.71 9.53
N ALA C 101 -14.65 -31.66 9.15
CA ALA C 101 -13.37 -31.32 9.76
C ALA C 101 -13.50 -30.36 10.92
N ARG C 102 -14.73 -30.02 11.33
CA ARG C 102 -14.92 -29.08 12.43
C ARG C 102 -14.36 -29.64 13.74
N ASP C 103 -14.61 -30.92 14.01
CA ASP C 103 -14.13 -31.52 15.25
C ASP C 103 -12.61 -31.65 15.24
N SER C 104 -12.05 -32.20 14.16
CA SER C 104 -10.61 -32.35 14.03
C SER C 104 -10.26 -32.51 12.56
N TYR C 105 -8.98 -32.24 12.25
CA TYR C 105 -8.48 -32.37 10.89
C TYR C 105 -7.90 -33.75 10.59
N TYR C 106 -7.83 -34.62 11.59
CA TYR C 106 -7.26 -35.95 11.38
C TYR C 106 -8.21 -36.80 10.54
N TYR C 107 -7.63 -37.60 9.65
CA TYR C 107 -8.39 -38.48 8.78
C TYR C 107 -8.42 -39.89 9.37
N THR C 108 -9.61 -40.46 9.50
CA THR C 108 -9.78 -41.79 10.07
C THR C 108 -10.77 -42.58 9.24
N ARG C 109 -10.65 -43.91 9.31
CA ARG C 109 -11.53 -44.82 8.59
C ARG C 109 -12.69 -45.29 9.44
N ASN C 110 -12.82 -44.81 10.67
CA ASN C 110 -13.90 -45.25 11.56
C ASN C 110 -15.24 -44.71 11.08
N PRO C 111 -16.24 -45.56 10.84
CA PRO C 111 -17.56 -45.05 10.43
C PRO C 111 -18.22 -44.18 11.47
N THR C 112 -17.82 -44.29 12.75
CA THR C 112 -18.45 -43.49 13.80
C THR C 112 -18.19 -42.00 13.59
N GLY C 113 -17.00 -41.65 13.07
CA GLY C 113 -16.69 -40.25 12.84
C GLY C 113 -17.59 -39.62 11.80
N TYR C 114 -17.95 -40.38 10.77
CA TYR C 114 -18.83 -39.87 9.73
C TYR C 114 -20.24 -39.67 10.27
N ASP C 115 -20.84 -38.54 9.92
CA ASP C 115 -22.17 -38.18 10.41
C ASP C 115 -23.21 -38.08 9.31
N TYR C 116 -22.86 -37.47 8.17
CA TYR C 116 -23.80 -37.29 7.06
C TYR C 116 -23.75 -38.53 6.18
N TRP C 117 -24.59 -39.50 6.51
CA TRP C 117 -24.65 -40.76 5.79
C TRP C 117 -25.68 -40.69 4.66
N GLY C 118 -25.66 -41.70 3.80
CA GLY C 118 -26.56 -41.74 2.66
C GLY C 118 -27.58 -42.87 2.75
N GLN C 119 -27.62 -43.71 1.73
CA GLN C 119 -28.59 -44.80 1.66
C GLN C 119 -27.93 -45.95 0.90
N GLY C 120 -28.70 -47.02 0.64
CA GLY C 120 -28.20 -48.16 -0.08
C GLY C 120 -28.39 -48.03 -1.57
N THR C 121 -27.55 -48.74 -2.32
CA THR C 121 -27.58 -48.70 -3.78
C THR C 121 -27.66 -50.12 -4.34
N GLN C 122 -28.08 -51.07 -3.53
CA GLN C 122 -28.22 -52.46 -3.96
C GLN C 122 -29.03 -53.27 -2.96
#